data_5XWD
#
_entry.id   5XWD
#
_cell.length_a   203.428
_cell.length_b   203.428
_cell.length_c   113.817
_cell.angle_alpha   90.00
_cell.angle_beta   90.00
_cell.angle_gamma   120.00
#
_symmetry.space_group_name_H-M   'P 65 2 2'
#
loop_
_entity.id
_entity.type
_entity.pdbx_description
1 polymer 'Epidermal growth factor receptor'
2 polymer 'VH chain of 059-152'
3 polymer 'VL chain of 059-152'
4 branched 2-acetamido-2-deoxy-beta-D-glucopyranose-(1-2)-alpha-D-mannopyranose-(1-3)-[2-acetamido-2-deoxy-beta-D-glucopyranose-(1-2)-alpha-D-mannopyranose-(1-6)]beta-D-mannopyranose-(1-4)-2-acetamido-2-deoxy-beta-D-glucopyranose-(1-4)-2-acetamido-2-deoxy-beta-D-glucopyranose
5 non-polymer 2-acetamido-2-deoxy-beta-D-glucopyranose
6 non-polymer 'ZINC ION'
#
loop_
_entity_poly.entity_id
_entity_poly.type
_entity_poly.pdbx_seq_one_letter_code
_entity_poly.pdbx_strand_id
1 'polypeptide(L)'
;MRPSGTAGAALLALLAALCPASRALEEKKVCQGTSNKLTQLGTFEDHFLSLQRMFNNCEVVLGNLEITYVQRNYDLSFLK
TIQEVAGYVLIALNTVERIPLENLQIIRGNMYYENSYALAVLSNYDANKTGLKELPMRNLQEILHGAVRFSNNPALCNVE
SIQWRDIVSSDFLSNMSMDFQNHLGSCQKCDPSCPNGSCWGAGEENCQKLTKIICAQQCSGRCRGKSPSDCCHNQCAAGC
TGPRESDCLVCRKFRDEATCKDTCPPLMLYNPTTYQMDVNPEGKYSFGATCVKKCPRNYVVTDHGSCVRACGADSYEMEE
DGVRKCKKCEGPCRKVCNGIGIGEFKDSLSINATNIKHFKNCTSISGDLHILPVAFRGDSFTHTPPLDPQELDILKTVKE
ITGFLLIQAWPENRTDLHAFENLEIIRGRTKQHGQFSLAVVSLNITSLGLRSLKEISDGDVIISGNKNLCYANTINWKKL
FGTSGQKTKIISNRGENSCKATGQVCHALCSPEGCWGPEPRDCVSCRNVSRGRECVDKCNLLEGEPREFVENSECIQCHP
ECLPQAMNITCTGRGPDNCIQCAHYIDGPHCVKTCPAGVMGENNTLVWKYADAGHVCHLCHPNCTYGCTGPGLEGCPTNG
PKIGSENLYFQ
;
A
2 'polypeptide(L)'
;GSSGSSGQVQLQESGPGLVKPSETLSLTCTVSGGSISSSSYYWGWIRQPPGKGLEWIGSIYYSGSTYYNPSLKSRVTISV
DTSKNQFSLKLSSVTAADTAVYYCARLPMVTMSFDYWGQGTLVTVSSASTKG
;
H
3 'polypeptide(L)'
;GSSGSSGSYVLTQPPSVSVAPGKTARITCGGNNIGSKSVHWYQQKPGQAPVLVIYYDSDRPSGIPERFSGSNSGNTATLT
ISRVEAGDEADYYCQVWDSSSDHVVFGGGTKLTVLGQPKA
;
D
#
# COMPACT_ATOMS: atom_id res chain seq x y z
N LYS A 28 -10.13 -36.08 -8.85
CA LYS A 28 -11.37 -36.03 -8.09
C LYS A 28 -11.93 -34.60 -8.07
N LYS A 29 -13.26 -34.49 -7.99
CA LYS A 29 -13.89 -33.19 -7.93
C LYS A 29 -13.64 -32.55 -6.57
N VAL A 30 -13.14 -31.31 -6.58
CA VAL A 30 -12.70 -30.63 -5.37
C VAL A 30 -13.46 -29.32 -5.23
N CYS A 31 -13.85 -29.01 -4.00
CA CYS A 31 -14.42 -27.72 -3.65
C CYS A 31 -13.69 -27.17 -2.43
N GLN A 32 -13.75 -25.85 -2.27
CA GLN A 32 -13.03 -25.20 -1.18
C GLN A 32 -13.67 -25.51 0.17
N GLY A 33 -14.86 -24.98 0.40
CA GLY A 33 -15.57 -25.11 1.66
C GLY A 33 -16.05 -23.78 2.15
N THR A 34 -16.60 -23.77 3.35
CA THR A 34 -17.14 -22.57 3.97
C THR A 34 -16.48 -22.32 5.31
N SER A 35 -16.67 -21.10 5.83
CA SER A 35 -16.15 -20.73 7.14
C SER A 35 -17.06 -19.74 7.84
N ASN A 36 -18.38 -19.82 7.58
CA ASN A 36 -19.34 -18.92 8.20
C ASN A 36 -19.69 -19.31 9.63
N LYS A 37 -19.25 -20.48 10.09
CA LYS A 37 -19.50 -20.97 11.44
C LYS A 37 -21.00 -21.07 11.71
N LEU A 38 -21.55 -20.14 12.48
CA LEU A 38 -22.96 -20.17 12.86
C LEU A 38 -23.76 -19.04 12.23
N THR A 39 -23.23 -18.40 11.19
CA THR A 39 -23.92 -17.30 10.51
C THR A 39 -24.82 -17.84 9.41
N GLN A 40 -26.07 -17.41 9.40
CA GLN A 40 -27.04 -17.83 8.40
C GLN A 40 -27.06 -16.82 7.25
N LEU A 41 -27.04 -17.32 6.02
CA LEU A 41 -27.00 -16.48 4.83
C LEU A 41 -28.44 -16.24 4.36
N GLY A 42 -29.03 -15.14 4.83
CA GLY A 42 -30.38 -14.80 4.41
C GLY A 42 -31.40 -15.76 5.00
N THR A 43 -32.39 -16.12 4.17
CA THR A 43 -33.43 -17.03 4.60
C THR A 43 -32.91 -18.47 4.61
N PHE A 44 -33.72 -19.38 5.15
CA PHE A 44 -33.34 -20.78 5.20
C PHE A 44 -33.15 -21.36 3.79
N GLU A 45 -33.93 -20.88 2.82
CA GLU A 45 -33.76 -21.35 1.45
C GLU A 45 -32.49 -20.77 0.83
N ASP A 46 -32.23 -19.48 1.07
CA ASP A 46 -30.99 -18.88 0.58
C ASP A 46 -29.77 -19.55 1.18
N HIS A 47 -29.84 -19.91 2.47
CA HIS A 47 -28.73 -20.61 3.10
C HIS A 47 -28.57 -22.01 2.53
N PHE A 48 -29.68 -22.66 2.16
CA PHE A 48 -29.59 -23.98 1.54
C PHE A 48 -29.03 -23.91 0.13
N LEU A 49 -29.34 -22.84 -0.61
CA LEU A 49 -28.84 -22.69 -1.96
C LEU A 49 -27.32 -22.51 -1.98
N SER A 50 -26.82 -21.63 -1.10
CA SER A 50 -25.37 -21.43 -1.02
C SER A 50 -24.65 -22.70 -0.60
N LEU A 51 -25.25 -23.45 0.32
CA LEU A 51 -24.66 -24.72 0.74
C LEU A 51 -24.73 -25.76 -0.37
N GLN A 52 -25.81 -25.75 -1.15
CA GLN A 52 -25.94 -26.70 -2.24
C GLN A 52 -24.98 -26.39 -3.38
N ARG A 53 -24.78 -25.10 -3.67
CA ARG A 53 -23.84 -24.72 -4.72
C ARG A 53 -22.42 -25.10 -4.38
N MET A 54 -22.06 -25.10 -3.10
CA MET A 54 -20.67 -25.34 -2.70
C MET A 54 -20.31 -26.82 -2.78
N PHE A 55 -21.17 -27.68 -2.25
CA PHE A 55 -20.83 -29.10 -2.07
C PHE A 55 -21.52 -30.01 -3.08
N ASN A 56 -22.09 -29.46 -4.14
CA ASN A 56 -22.66 -30.30 -5.19
C ASN A 56 -21.55 -30.99 -5.95
N ASN A 57 -21.59 -32.32 -5.99
CA ASN A 57 -20.59 -33.16 -6.65
C ASN A 57 -19.20 -32.99 -6.04
N CYS A 58 -19.09 -32.42 -4.85
CA CYS A 58 -17.80 -32.22 -4.22
C CYS A 58 -17.36 -33.50 -3.52
N GLU A 59 -16.15 -33.96 -3.85
CA GLU A 59 -15.58 -35.15 -3.23
C GLU A 59 -14.52 -34.83 -2.19
N VAL A 60 -13.75 -33.74 -2.38
CA VAL A 60 -12.71 -33.34 -1.45
C VAL A 60 -12.95 -31.88 -1.09
N VAL A 61 -13.11 -31.60 0.20
CA VAL A 61 -13.30 -30.25 0.70
C VAL A 61 -11.97 -29.75 1.23
N LEU A 62 -11.44 -28.70 0.58
CA LEU A 62 -10.15 -28.16 1.00
C LEU A 62 -10.25 -27.45 2.34
N GLY A 63 -11.36 -26.76 2.58
CA GLY A 63 -11.54 -26.02 3.82
C GLY A 63 -12.34 -26.77 4.86
N ASN A 64 -13.45 -26.17 5.30
CA ASN A 64 -14.30 -26.76 6.32
C ASN A 64 -15.64 -27.15 5.72
N LEU A 65 -16.28 -28.14 6.35
CA LEU A 65 -17.61 -28.60 5.96
C LEU A 65 -18.59 -28.11 7.03
N GLU A 66 -19.43 -27.14 6.67
CA GLU A 66 -20.38 -26.53 7.59
C GLU A 66 -21.78 -26.78 7.08
N ILE A 67 -22.52 -27.65 7.78
CA ILE A 67 -23.91 -27.95 7.46
C ILE A 67 -24.75 -27.34 8.58
N THR A 68 -25.26 -26.13 8.34
CA THR A 68 -26.02 -25.40 9.35
C THR A 68 -27.35 -24.93 8.77
N TYR A 69 -28.35 -24.83 9.65
CA TYR A 69 -29.66 -24.27 9.33
C TYR A 69 -30.35 -25.01 8.19
N VAL A 70 -30.14 -26.32 8.09
CA VAL A 70 -30.81 -27.13 7.09
C VAL A 70 -32.11 -27.66 7.71
N GLN A 71 -33.24 -27.22 7.17
CA GLN A 71 -34.52 -27.59 7.73
C GLN A 71 -34.98 -28.95 7.20
N ARG A 72 -36.10 -29.42 7.75
CA ARG A 72 -36.60 -30.74 7.42
C ARG A 72 -37.15 -30.76 6.00
N ASN A 73 -37.22 -31.98 5.44
CA ASN A 73 -37.70 -32.26 4.08
C ASN A 73 -36.82 -31.65 3.00
N TYR A 74 -35.61 -31.23 3.33
CA TYR A 74 -34.66 -30.71 2.35
C TYR A 74 -33.76 -31.84 1.88
N ASP A 75 -33.63 -31.97 0.56
CA ASP A 75 -32.88 -33.07 -0.05
C ASP A 75 -31.39 -32.79 0.09
N LEU A 76 -30.72 -33.56 0.94
CA LEU A 76 -29.27 -33.48 1.12
C LEU A 76 -28.53 -34.63 0.45
N SER A 77 -29.09 -35.17 -0.64
CA SER A 77 -28.48 -36.32 -1.30
C SER A 77 -27.11 -36.00 -1.89
N PHE A 78 -26.80 -34.73 -2.12
CA PHE A 78 -25.51 -34.36 -2.68
C PHE A 78 -24.37 -34.50 -1.68
N LEU A 79 -24.68 -34.76 -0.40
CA LEU A 79 -23.64 -34.91 0.61
C LEU A 79 -23.08 -36.33 0.67
N LYS A 80 -23.65 -37.27 -0.07
CA LYS A 80 -23.14 -38.64 -0.06
C LYS A 80 -21.87 -38.81 -0.88
N THR A 81 -21.50 -37.81 -1.69
CA THR A 81 -20.29 -37.87 -2.49
C THR A 81 -19.07 -37.30 -1.78
N ILE A 82 -19.24 -36.68 -0.62
CA ILE A 82 -18.12 -36.12 0.12
C ILE A 82 -17.32 -37.27 0.73
N GLN A 83 -16.03 -37.31 0.45
CA GLN A 83 -15.15 -38.35 0.97
C GLN A 83 -14.04 -37.81 1.85
N GLU A 84 -13.47 -36.66 1.52
CA GLU A 84 -12.36 -36.09 2.28
C GLU A 84 -12.69 -34.67 2.70
N VAL A 85 -12.33 -34.32 3.93
CA VAL A 85 -12.41 -32.96 4.42
C VAL A 85 -11.13 -32.64 5.18
N ALA A 86 -10.49 -31.52 4.83
CA ALA A 86 -9.21 -31.18 5.44
C ALA A 86 -9.41 -30.46 6.76
N GLY A 87 -10.30 -29.48 6.80
CA GLY A 87 -10.55 -28.74 8.02
C GLY A 87 -11.45 -29.50 8.99
N TYR A 88 -12.39 -28.80 9.60
CA TYR A 88 -13.34 -29.42 10.51
C TYR A 88 -14.70 -29.59 9.84
N VAL A 89 -15.55 -30.37 10.50
CA VAL A 89 -16.92 -30.61 10.04
C VAL A 89 -17.86 -30.04 11.10
N LEU A 90 -18.69 -29.09 10.70
CA LEU A 90 -19.63 -28.42 11.60
C LEU A 90 -21.06 -28.79 11.18
N ILE A 91 -21.81 -29.38 12.10
CA ILE A 91 -23.20 -29.73 11.89
C ILE A 91 -23.97 -29.15 13.07
N ALA A 92 -24.58 -27.99 12.87
CA ALA A 92 -25.21 -27.27 13.97
C ALA A 92 -26.52 -26.64 13.51
N LEU A 93 -27.48 -26.58 14.43
CA LEU A 93 -28.75 -25.88 14.23
C LEU A 93 -29.50 -26.41 13.01
N ASN A 94 -29.47 -27.72 12.82
CA ASN A 94 -30.16 -28.38 11.73
C ASN A 94 -31.34 -29.17 12.28
N THR A 95 -32.50 -29.03 11.63
CA THR A 95 -33.70 -29.78 12.01
C THR A 95 -33.99 -30.93 11.06
N VAL A 96 -33.22 -31.06 9.98
CA VAL A 96 -33.39 -32.19 9.07
C VAL A 96 -33.01 -33.47 9.80
N GLU A 97 -33.76 -34.55 9.53
CA GLU A 97 -33.61 -35.77 10.30
C GLU A 97 -32.44 -36.62 9.82
N ARG A 98 -32.13 -36.59 8.52
CA ARG A 98 -31.06 -37.42 7.95
C ARG A 98 -30.10 -36.54 7.19
N ILE A 99 -28.82 -36.58 7.58
CA ILE A 99 -27.74 -35.92 6.85
C ILE A 99 -26.84 -37.01 6.29
N PRO A 100 -27.02 -37.40 4.99
CA PRO A 100 -26.31 -38.58 4.46
C PRO A 100 -24.85 -38.32 4.13
N LEU A 101 -24.03 -38.22 5.17
CA LEU A 101 -22.58 -38.20 5.02
C LEU A 101 -22.04 -39.64 5.02
N GLU A 102 -22.50 -40.40 4.04
CA GLU A 102 -22.25 -41.83 4.02
C GLU A 102 -20.80 -42.14 3.69
N ASN A 103 -20.25 -41.49 2.67
CA ASN A 103 -18.93 -41.83 2.15
C ASN A 103 -17.82 -40.94 2.71
N LEU A 104 -18.09 -40.17 3.75
CA LEU A 104 -17.05 -39.37 4.38
C LEU A 104 -16.10 -40.29 5.14
N GLN A 105 -14.83 -40.32 4.73
CA GLN A 105 -13.86 -41.25 5.27
C GLN A 105 -12.86 -40.62 6.24
N ILE A 106 -12.37 -39.42 5.94
CA ILE A 106 -11.28 -38.81 6.70
C ILE A 106 -11.62 -37.37 7.02
N ILE A 107 -11.33 -36.96 8.25
CA ILE A 107 -11.40 -35.57 8.67
C ILE A 107 -10.00 -35.20 9.14
N ARG A 108 -9.23 -34.52 8.27
CA ARG A 108 -7.83 -34.27 8.57
C ARG A 108 -7.66 -33.33 9.75
N GLY A 109 -8.58 -32.38 9.94
CA GLY A 109 -8.48 -31.47 11.06
C GLY A 109 -7.37 -30.46 10.93
N ASN A 110 -7.09 -29.98 9.71
CA ASN A 110 -6.10 -28.93 9.52
C ASN A 110 -6.53 -27.62 10.14
N MET A 111 -7.82 -27.46 10.42
CA MET A 111 -8.35 -26.31 11.15
C MET A 111 -9.29 -26.81 12.22
N TYR A 112 -9.50 -25.98 13.25
CA TYR A 112 -10.33 -26.33 14.39
C TYR A 112 -11.51 -25.38 14.47
N TYR A 113 -12.66 -25.91 14.88
CA TYR A 113 -13.88 -25.11 15.01
C TYR A 113 -13.75 -24.09 16.13
N GLU A 114 -13.78 -24.55 17.38
CA GLU A 114 -13.63 -23.66 18.52
C GLU A 114 -12.17 -23.58 18.95
N ASN A 115 -11.69 -24.63 19.61
CA ASN A 115 -10.31 -24.69 20.09
C ASN A 115 -9.55 -25.89 19.55
N SER A 116 -10.09 -27.10 19.72
CA SER A 116 -9.45 -28.31 19.23
C SER A 116 -10.50 -29.28 18.67
N TYR A 117 -11.58 -28.76 18.10
CA TYR A 117 -12.68 -29.57 17.60
C TYR A 117 -12.60 -29.69 16.10
N ALA A 118 -12.42 -30.92 15.61
CA ALA A 118 -12.46 -31.22 14.19
C ALA A 118 -13.82 -31.70 13.73
N LEU A 119 -14.76 -31.88 14.66
CA LEU A 119 -16.11 -32.33 14.32
C LEU A 119 -17.03 -31.90 15.45
N ALA A 120 -17.93 -30.95 15.17
CA ALA A 120 -18.83 -30.40 16.17
C ALA A 120 -20.27 -30.59 15.70
N VAL A 121 -21.04 -31.36 16.46
CA VAL A 121 -22.46 -31.56 16.22
C VAL A 121 -23.19 -30.95 17.41
N LEU A 122 -23.68 -29.72 17.26
CA LEU A 122 -24.18 -28.94 18.39
C LEU A 122 -25.57 -28.42 18.09
N SER A 123 -26.49 -28.64 19.03
CA SER A 123 -27.82 -28.02 19.04
C SER A 123 -28.56 -28.24 17.72
N ASN A 124 -28.76 -29.53 17.38
CA ASN A 124 -29.50 -29.90 16.18
C ASN A 124 -30.91 -30.32 16.56
N TYR A 125 -31.70 -29.32 16.96
CA TYR A 125 -33.08 -29.54 17.36
C TYR A 125 -33.88 -28.28 17.04
N ASP A 126 -35.12 -28.24 17.53
CA ASP A 126 -36.00 -27.10 17.33
C ASP A 126 -36.94 -27.00 18.53
N ALA A 127 -37.95 -26.15 18.43
CA ALA A 127 -38.97 -26.06 19.48
C ALA A 127 -39.79 -27.34 19.55
N ASN A 128 -39.94 -28.05 18.42
CA ASN A 128 -40.62 -29.33 18.40
C ASN A 128 -39.78 -30.45 18.99
N LYS A 129 -38.50 -30.20 19.27
CA LYS A 129 -37.58 -31.20 19.80
C LYS A 129 -37.46 -32.41 18.87
N THR A 130 -37.54 -32.17 17.57
CA THR A 130 -37.38 -33.20 16.54
C THR A 130 -36.41 -32.65 15.51
N GLY A 131 -35.12 -32.90 15.72
CA GLY A 131 -34.10 -32.40 14.82
C GLY A 131 -33.34 -33.50 14.12
N LEU A 132 -32.01 -33.47 14.22
CA LEU A 132 -31.18 -34.48 13.59
C LEU A 132 -31.35 -35.82 14.30
N LYS A 133 -31.83 -36.82 13.57
CA LYS A 133 -32.02 -38.16 14.09
C LYS A 133 -31.06 -39.18 13.52
N GLU A 134 -30.76 -39.10 12.23
CA GLU A 134 -29.95 -40.09 11.53
C GLU A 134 -28.70 -39.41 11.00
N LEU A 135 -27.54 -39.77 11.56
CA LEU A 135 -26.23 -39.29 11.11
C LEU A 135 -25.42 -40.50 10.70
N PRO A 136 -25.62 -41.02 9.47
CA PRO A 136 -24.98 -42.29 9.06
C PRO A 136 -23.61 -42.08 8.42
N MET A 137 -22.63 -41.73 9.25
CA MET A 137 -21.25 -41.62 8.80
C MET A 137 -20.55 -42.97 9.00
N ARG A 138 -21.01 -43.95 8.22
CA ARG A 138 -20.55 -45.33 8.35
C ARG A 138 -19.13 -45.53 7.86
N ASN A 139 -18.54 -44.56 7.15
CA ASN A 139 -17.19 -44.69 6.62
C ASN A 139 -16.18 -43.76 7.29
N LEU A 140 -16.61 -42.94 8.24
CA LEU A 140 -15.69 -42.09 8.99
C LEU A 140 -14.82 -42.98 9.86
N GLN A 141 -13.62 -43.30 9.37
CA GLN A 141 -12.76 -44.26 10.03
C GLN A 141 -11.55 -43.64 10.72
N GLU A 142 -11.24 -42.37 10.47
CA GLU A 142 -10.13 -41.73 11.16
C GLU A 142 -10.29 -40.21 11.11
N ILE A 143 -9.91 -39.56 12.19
CA ILE A 143 -9.77 -38.11 12.25
C ILE A 143 -8.34 -37.82 12.68
N LEU A 144 -7.56 -37.19 11.78
CA LEU A 144 -6.13 -37.03 12.01
C LEU A 144 -5.86 -36.15 13.24
N HIS A 145 -6.29 -34.90 13.21
CA HIS A 145 -6.00 -33.95 14.27
C HIS A 145 -7.30 -33.35 14.80
N GLY A 146 -7.36 -33.17 16.11
CA GLY A 146 -8.50 -32.56 16.75
C GLY A 146 -9.41 -33.58 17.42
N ALA A 147 -10.27 -33.08 18.29
CA ALA A 147 -11.26 -33.87 18.99
C ALA A 147 -12.65 -33.58 18.41
N VAL A 148 -13.65 -34.29 18.94
CA VAL A 148 -15.03 -34.12 18.50
C VAL A 148 -15.87 -33.68 19.69
N ARG A 149 -17.02 -33.08 19.38
CA ARG A 149 -17.95 -32.62 20.41
C ARG A 149 -19.38 -32.88 19.97
N PHE A 150 -20.17 -33.48 20.86
CA PHE A 150 -21.59 -33.68 20.65
C PHE A 150 -22.32 -33.09 21.85
N SER A 151 -23.23 -32.15 21.60
CA SER A 151 -23.92 -31.47 22.68
C SER A 151 -25.31 -31.04 22.22
N ASN A 152 -26.32 -31.33 23.05
CA ASN A 152 -27.70 -30.90 22.83
C ASN A 152 -28.23 -31.40 21.48
N ASN A 153 -28.20 -32.71 21.32
CA ASN A 153 -28.68 -33.38 20.10
C ASN A 153 -29.73 -34.42 20.48
N PRO A 154 -30.95 -33.99 20.80
CA PRO A 154 -32.01 -34.94 21.10
C PRO A 154 -32.46 -35.67 19.85
N ALA A 155 -33.09 -36.83 20.07
CA ALA A 155 -33.62 -37.69 19.01
C ALA A 155 -32.50 -38.22 18.10
N LEU A 156 -31.26 -37.90 18.41
CA LEU A 156 -30.12 -38.42 17.66
C LEU A 156 -29.79 -39.83 18.16
N CYS A 157 -29.79 -40.80 17.26
CA CYS A 157 -29.69 -42.21 17.62
C CYS A 157 -28.32 -42.77 17.26
N ASN A 158 -27.98 -43.87 17.93
CA ASN A 158 -26.86 -44.75 17.56
C ASN A 158 -25.49 -44.13 17.80
N VAL A 159 -25.40 -42.79 17.78
CA VAL A 159 -24.10 -42.14 17.94
C VAL A 159 -23.50 -42.39 19.31
N GLU A 160 -24.32 -42.74 20.30
CA GLU A 160 -23.78 -43.02 21.63
C GLU A 160 -22.98 -44.31 21.64
N SER A 161 -23.28 -45.25 20.75
CA SER A 161 -22.60 -46.53 20.71
C SER A 161 -21.25 -46.47 20.01
N ILE A 162 -20.94 -45.37 19.31
CA ILE A 162 -19.71 -45.30 18.53
C ILE A 162 -18.51 -45.27 19.45
N GLN A 163 -17.54 -46.16 19.20
CA GLN A 163 -16.27 -46.17 19.93
C GLN A 163 -15.33 -45.21 19.23
N TRP A 164 -15.25 -43.98 19.74
CA TRP A 164 -14.46 -42.94 19.10
C TRP A 164 -12.95 -43.16 19.25
N ARG A 165 -12.53 -44.04 20.16
CA ARG A 165 -11.10 -44.32 20.33
C ARG A 165 -10.48 -44.92 19.07
N ASP A 166 -11.29 -45.55 18.21
CA ASP A 166 -10.77 -46.18 17.02
C ASP A 166 -10.58 -45.21 15.86
N ILE A 167 -11.20 -44.03 15.91
CA ILE A 167 -11.20 -43.10 14.80
C ILE A 167 -10.43 -41.82 15.12
N VAL A 168 -10.58 -41.29 16.33
CA VAL A 168 -9.87 -40.06 16.68
C VAL A 168 -8.44 -40.41 17.12
N SER A 169 -7.56 -39.42 17.03
CA SER A 169 -6.18 -39.62 17.41
C SER A 169 -6.05 -39.81 18.92
N SER A 170 -5.02 -40.56 19.32
CA SER A 170 -4.84 -40.90 20.73
C SER A 170 -4.43 -39.70 21.58
N ASP A 171 -3.81 -38.68 20.98
CA ASP A 171 -3.37 -37.52 21.74
C ASP A 171 -4.48 -36.51 21.99
N PHE A 172 -5.53 -36.51 21.17
CA PHE A 172 -6.65 -35.58 21.32
C PHE A 172 -7.81 -36.17 22.11
N LEU A 173 -7.66 -37.40 22.64
CA LEU A 173 -8.72 -37.99 23.44
C LEU A 173 -8.91 -37.28 24.78
N SER A 174 -7.95 -36.47 25.20
CA SER A 174 -8.03 -35.79 26.49
C SER A 174 -8.98 -34.60 26.47
N ASN A 175 -9.41 -34.15 25.30
CA ASN A 175 -10.28 -32.97 25.19
C ASN A 175 -11.61 -33.31 24.52
N MET A 176 -12.06 -34.55 24.66
CA MET A 176 -13.36 -34.93 24.12
C MET A 176 -14.48 -34.34 24.96
N SER A 177 -15.61 -34.03 24.30
CA SER A 177 -16.79 -33.45 24.95
C SER A 177 -18.02 -34.13 24.37
N MET A 178 -18.33 -35.32 24.89
CA MET A 178 -19.47 -36.10 24.42
C MET A 178 -20.61 -35.97 25.42
N ASP A 179 -21.75 -35.46 24.95
CA ASP A 179 -22.95 -35.31 25.76
C ASP A 179 -24.13 -35.94 25.02
N PHE A 180 -24.55 -37.11 25.49
CA PHE A 180 -25.64 -37.86 24.86
C PHE A 180 -26.75 -38.03 25.88
N GLN A 181 -27.79 -37.20 25.76
CA GLN A 181 -28.97 -37.25 26.61
C GLN A 181 -30.20 -37.42 25.74
N ASN A 182 -30.39 -38.63 25.21
CA ASN A 182 -31.51 -38.96 24.33
C ASN A 182 -32.12 -40.27 24.81
N HIS A 183 -32.97 -40.19 25.82
CA HIS A 183 -33.68 -41.35 26.34
C HIS A 183 -35.18 -41.27 26.13
N LEU A 184 -35.67 -40.19 25.52
CA LEU A 184 -37.10 -40.00 25.29
C LEU A 184 -37.48 -40.08 23.82
N GLY A 185 -36.53 -40.34 22.93
CA GLY A 185 -36.80 -40.42 21.51
C GLY A 185 -36.85 -41.88 21.03
N SER A 186 -37.68 -42.11 20.02
CA SER A 186 -37.83 -43.46 19.45
C SER A 186 -36.64 -43.74 18.55
N CYS A 187 -35.76 -44.64 19.01
CA CYS A 187 -34.57 -45.02 18.26
C CYS A 187 -34.60 -46.51 17.95
N GLN A 188 -34.08 -46.87 16.79
CA GLN A 188 -33.96 -48.28 16.40
C GLN A 188 -32.65 -48.84 16.92
N LYS A 189 -32.68 -50.10 17.33
CA LYS A 189 -31.51 -50.73 17.91
C LYS A 189 -30.47 -51.05 16.84
N CYS A 190 -29.20 -51.08 17.26
CA CYS A 190 -28.12 -51.43 16.35
C CYS A 190 -28.30 -52.86 15.82
N ASP A 191 -27.64 -53.13 14.71
CA ASP A 191 -27.65 -54.47 14.16
C ASP A 191 -26.84 -55.40 15.07
N PRO A 192 -27.31 -56.64 15.29
CA PRO A 192 -26.58 -57.54 16.20
C PRO A 192 -25.18 -57.90 15.71
N SER A 193 -24.90 -57.75 14.41
CA SER A 193 -23.58 -58.06 13.89
C SER A 193 -22.57 -56.94 14.13
N CYS A 194 -23.00 -55.80 14.65
CA CYS A 194 -22.08 -54.72 14.92
C CYS A 194 -21.17 -55.08 16.09
N PRO A 195 -19.88 -54.72 16.04
CA PRO A 195 -18.97 -55.04 17.14
C PRO A 195 -19.36 -54.29 18.41
N ASN A 196 -19.64 -55.03 19.48
CA ASN A 196 -20.04 -54.49 20.77
C ASN A 196 -21.28 -53.62 20.68
N GLY A 197 -22.11 -53.82 19.66
CA GLY A 197 -23.29 -53.01 19.49
C GLY A 197 -23.01 -51.58 19.08
N SER A 198 -21.92 -51.34 18.36
CA SER A 198 -21.53 -50.00 17.93
C SER A 198 -21.97 -49.79 16.49
N CYS A 199 -22.85 -48.82 16.27
CA CYS A 199 -23.39 -48.57 14.93
C CYS A 199 -23.65 -47.09 14.74
N TRP A 200 -23.53 -46.63 13.49
CA TRP A 200 -23.86 -45.25 13.16
C TRP A 200 -25.35 -45.07 12.91
N GLY A 201 -25.98 -46.07 12.30
CA GLY A 201 -27.40 -46.02 12.02
C GLY A 201 -28.06 -47.38 12.21
N ALA A 202 -29.28 -47.53 11.71
CA ALA A 202 -30.03 -48.76 11.92
C ALA A 202 -29.64 -49.87 10.95
N GLY A 203 -29.21 -49.50 9.74
CA GLY A 203 -28.95 -50.49 8.72
C GLY A 203 -27.78 -51.40 9.05
N GLU A 204 -27.70 -52.50 8.29
CA GLU A 204 -26.60 -53.44 8.45
C GLU A 204 -25.27 -52.84 8.01
N GLU A 205 -25.30 -51.96 7.01
CA GLU A 205 -24.10 -51.28 6.55
C GLU A 205 -23.56 -50.27 7.55
N ASN A 206 -24.33 -49.94 8.59
CA ASN A 206 -23.98 -48.86 9.51
C ASN A 206 -23.23 -49.35 10.75
N CYS A 207 -22.78 -50.60 10.77
CA CYS A 207 -21.95 -51.07 11.86
C CYS A 207 -20.61 -50.35 11.84
N GLN A 208 -20.11 -49.98 13.01
CA GLN A 208 -18.83 -49.29 13.11
C GLN A 208 -17.71 -50.24 12.68
N LYS A 209 -16.91 -49.81 11.71
CA LYS A 209 -15.83 -50.63 11.16
C LYS A 209 -14.57 -50.34 11.95
N LEU A 210 -14.34 -51.14 12.99
CA LEU A 210 -13.13 -50.98 13.80
C LEU A 210 -11.91 -51.42 13.00
N THR A 211 -10.89 -50.55 12.96
CA THR A 211 -9.69 -50.88 12.21
C THR A 211 -8.42 -50.33 12.86
N LYS A 212 -8.44 -50.04 14.16
CA LYS A 212 -7.27 -49.47 14.83
C LYS A 212 -7.04 -50.13 16.19
N ILE A 213 -8.02 -50.03 17.09
CA ILE A 213 -7.84 -50.56 18.44
C ILE A 213 -7.83 -52.08 18.46
N ILE A 214 -8.35 -52.74 17.41
CA ILE A 214 -8.34 -54.19 17.35
C ILE A 214 -7.06 -54.73 16.73
N CYS A 215 -6.14 -53.87 16.31
CA CYS A 215 -4.92 -54.30 15.66
C CYS A 215 -3.93 -54.85 16.69
N ALA A 216 -3.05 -55.72 16.21
CA ALA A 216 -2.04 -56.32 17.07
C ALA A 216 -0.98 -55.27 17.44
N GLN A 217 -0.15 -55.62 18.43
CA GLN A 217 0.90 -54.72 18.87
C GLN A 217 1.97 -54.53 17.79
N GLN A 218 2.12 -55.50 16.90
CA GLN A 218 3.12 -55.42 15.85
C GLN A 218 2.69 -54.54 14.67
N CYS A 219 1.39 -54.38 14.47
CA CYS A 219 0.90 -53.49 13.41
C CYS A 219 1.17 -52.04 13.81
N SER A 220 1.91 -51.32 12.97
CA SER A 220 2.17 -49.90 13.18
C SER A 220 1.12 -49.09 12.44
N GLY A 221 0.35 -48.28 13.18
CA GLY A 221 -0.72 -47.51 12.58
C GLY A 221 -2.05 -48.24 12.65
N ARG A 222 -2.49 -48.80 11.52
CA ARG A 222 -3.74 -49.53 11.47
C ARG A 222 -3.54 -50.91 10.84
N CYS A 223 -4.63 -51.62 10.58
CA CYS A 223 -4.55 -52.96 10.05
C CYS A 223 -5.83 -53.27 9.29
N ARG A 224 -5.98 -54.52 8.86
CA ARG A 224 -7.17 -54.99 8.16
C ARG A 224 -8.05 -55.90 9.00
N GLY A 225 -7.46 -56.64 9.94
CA GLY A 225 -8.21 -57.51 10.82
C GLY A 225 -7.65 -57.55 12.23
N LYS A 226 -7.13 -58.70 12.64
CA LYS A 226 -6.53 -58.85 13.96
C LYS A 226 -5.16 -59.51 13.92
N SER A 227 -4.66 -59.91 12.75
CA SER A 227 -3.39 -60.61 12.63
C SER A 227 -2.30 -59.67 12.13
N PRO A 228 -1.04 -59.91 12.51
CA PRO A 228 0.06 -59.08 11.99
C PRO A 228 0.33 -59.27 10.51
N SER A 229 -0.31 -60.25 9.86
CA SER A 229 -0.08 -60.49 8.44
C SER A 229 -0.96 -59.62 7.55
N ASP A 230 -1.78 -58.75 8.12
CA ASP A 230 -2.64 -57.87 7.34
C ASP A 230 -2.62 -56.44 7.90
N CYS A 231 -1.47 -56.02 8.40
CA CYS A 231 -1.32 -54.63 8.85
C CYS A 231 -1.41 -53.68 7.65
N CYS A 232 -1.74 -52.44 7.95
CA CYS A 232 -1.71 -51.37 6.95
C CYS A 232 -0.40 -50.61 7.04
N HIS A 233 0.07 -50.14 5.89
CA HIS A 233 1.27 -49.33 5.86
C HIS A 233 1.04 -48.03 6.65
N ASN A 234 2.08 -47.57 7.34
CA ASN A 234 1.94 -46.42 8.23
C ASN A 234 1.56 -45.15 7.48
N GLN A 235 1.63 -45.13 6.15
CA GLN A 235 1.21 -43.98 5.37
C GLN A 235 -0.28 -43.97 5.09
N CYS A 236 -0.98 -45.06 5.34
CA CYS A 236 -2.43 -45.10 5.15
C CYS A 236 -3.11 -44.22 6.21
N ALA A 237 -4.41 -43.97 5.99
CA ALA A 237 -5.18 -43.13 6.89
C ALA A 237 -6.41 -43.86 7.42
N ALA A 238 -7.42 -44.13 6.60
CA ALA A 238 -8.63 -44.77 7.09
C ALA A 238 -8.43 -46.28 7.21
N GLY A 239 -8.09 -46.93 6.12
CA GLY A 239 -7.86 -48.35 6.12
C GLY A 239 -6.98 -48.75 4.95
N CYS A 240 -7.02 -50.04 4.64
CA CYS A 240 -6.23 -50.55 3.52
C CYS A 240 -6.82 -51.89 3.05
N THR A 241 -6.76 -52.12 1.75
CA THR A 241 -7.18 -53.39 1.17
C THR A 241 -6.03 -54.39 1.10
N GLY A 242 -4.79 -53.92 1.21
CA GLY A 242 -3.63 -54.77 1.17
C GLY A 242 -2.49 -54.21 2.00
N PRO A 243 -1.34 -54.90 2.01
CA PRO A 243 -0.22 -54.45 2.84
C PRO A 243 0.62 -53.35 2.20
N ARG A 244 0.61 -53.22 0.88
CA ARG A 244 1.49 -52.28 0.20
C ARG A 244 0.97 -50.84 0.38
N GLU A 245 1.75 -49.88 -0.13
CA GLU A 245 1.39 -48.47 0.02
C GLU A 245 0.23 -48.09 -0.90
N SER A 246 0.14 -48.70 -2.08
CA SER A 246 -0.91 -48.38 -3.04
C SER A 246 -2.25 -49.02 -2.68
N ASP A 247 -2.40 -49.51 -1.46
CA ASP A 247 -3.63 -50.19 -1.04
C ASP A 247 -4.44 -49.38 -0.04
N CYS A 248 -3.98 -48.19 0.34
CA CYS A 248 -4.72 -47.38 1.30
C CYS A 248 -6.03 -46.90 0.71
N LEU A 249 -7.04 -46.75 1.59
CA LEU A 249 -8.27 -46.11 1.18
C LEU A 249 -8.05 -44.62 0.94
N VAL A 250 -7.54 -43.91 1.94
CA VAL A 250 -7.10 -42.53 1.80
C VAL A 250 -5.71 -42.41 2.42
N CYS A 251 -4.99 -41.38 2.00
CA CYS A 251 -3.62 -41.19 2.44
C CYS A 251 -3.56 -40.31 3.69
N ARG A 252 -2.59 -40.60 4.56
CA ARG A 252 -2.45 -39.84 5.79
C ARG A 252 -1.92 -38.43 5.52
N LYS A 253 -0.95 -38.31 4.63
CA LYS A 253 -0.35 -37.02 4.34
C LYS A 253 -0.60 -36.59 2.90
N PHE A 254 0.14 -37.18 1.95
CA PHE A 254 0.04 -36.82 0.54
C PHE A 254 -0.28 -38.05 -0.29
N ARG A 255 -0.84 -37.79 -1.48
CA ARG A 255 -1.19 -38.83 -2.44
C ARG A 255 -0.63 -38.43 -3.80
N ASP A 256 0.37 -39.16 -4.28
CA ASP A 256 0.95 -38.92 -5.59
C ASP A 256 0.47 -40.03 -6.53
N GLU A 257 -0.24 -39.65 -7.58
CA GLU A 257 -0.89 -40.59 -8.50
C GLU A 257 -1.72 -41.59 -7.70
N ALA A 258 -1.28 -42.85 -7.63
CA ALA A 258 -2.02 -43.88 -6.91
C ALA A 258 -1.33 -44.31 -5.62
N THR A 259 -0.28 -43.61 -5.20
CA THR A 259 0.53 -44.02 -4.07
C THR A 259 0.51 -42.97 -2.97
N CYS A 260 0.35 -43.43 -1.73
CA CYS A 260 0.47 -42.56 -0.57
C CYS A 260 1.94 -42.33 -0.27
N LYS A 261 2.35 -41.06 -0.27
CA LYS A 261 3.73 -40.68 -0.01
C LYS A 261 3.79 -39.70 1.15
N ASP A 262 4.91 -39.75 1.88
CA ASP A 262 5.11 -38.81 2.98
C ASP A 262 5.30 -37.38 2.47
N THR A 263 5.89 -37.22 1.30
CA THR A 263 6.11 -35.92 0.71
C THR A 263 6.04 -36.05 -0.81
N CYS A 264 5.55 -35.01 -1.47
CA CYS A 264 5.53 -35.00 -2.93
C CYS A 264 6.96 -35.09 -3.46
N PRO A 265 7.13 -35.59 -4.69
CA PRO A 265 8.47 -35.68 -5.27
C PRO A 265 9.17 -34.33 -5.28
N PRO A 266 10.44 -34.29 -4.91
CA PRO A 266 11.14 -33.00 -4.83
C PRO A 266 11.23 -32.32 -6.19
N LEU A 267 10.96 -31.02 -6.20
CA LEU A 267 11.04 -30.25 -7.43
C LEU A 267 12.47 -29.93 -7.83
N MET A 268 13.39 -29.90 -6.87
CA MET A 268 14.79 -29.59 -7.12
C MET A 268 15.62 -30.83 -6.80
N LEU A 269 16.41 -31.29 -7.77
CA LEU A 269 17.32 -32.41 -7.59
C LEU A 269 18.70 -32.02 -8.08
N TYR A 270 19.72 -32.58 -7.43
CA TYR A 270 21.10 -32.33 -7.79
C TYR A 270 21.53 -33.39 -8.79
N ASN A 271 21.59 -33.01 -10.07
CA ASN A 271 22.08 -33.95 -11.07
C ASN A 271 23.60 -33.83 -11.18
N PRO A 272 24.34 -34.94 -11.14
CA PRO A 272 25.81 -34.86 -11.22
C PRO A 272 26.32 -34.34 -12.55
N THR A 273 25.48 -34.21 -13.57
CA THR A 273 25.94 -33.75 -14.87
C THR A 273 26.26 -32.25 -14.84
N THR A 274 25.31 -31.44 -14.40
CA THR A 274 25.49 -29.99 -14.38
C THR A 274 26.10 -29.48 -13.08
N TYR A 275 26.29 -30.36 -12.09
CA TYR A 275 26.88 -29.98 -10.79
C TYR A 275 26.08 -28.87 -10.12
N GLN A 276 24.77 -28.82 -10.36
CA GLN A 276 23.96 -27.74 -9.84
C GLN A 276 22.53 -28.24 -9.62
N MET A 277 21.83 -27.59 -8.69
CA MET A 277 20.43 -27.89 -8.46
C MET A 277 19.60 -27.47 -9.67
N ASP A 278 18.93 -28.43 -10.29
CA ASP A 278 18.07 -28.17 -11.43
C ASP A 278 16.65 -28.62 -11.13
N VAL A 279 15.73 -28.22 -12.01
CA VAL A 279 14.32 -28.58 -11.84
C VAL A 279 14.15 -30.06 -12.15
N ASN A 280 13.43 -30.76 -11.27
CA ASN A 280 13.17 -32.17 -11.46
C ASN A 280 11.95 -32.36 -12.37
N PRO A 281 12.09 -33.01 -13.53
CA PRO A 281 10.91 -33.25 -14.36
C PRO A 281 9.85 -34.09 -13.67
N GLU A 282 10.24 -35.03 -12.82
CA GLU A 282 9.29 -35.79 -12.02
C GLU A 282 8.81 -35.04 -10.80
N GLY A 283 9.36 -33.87 -10.51
CA GLY A 283 8.90 -33.09 -9.37
C GLY A 283 7.51 -32.53 -9.61
N LYS A 284 6.67 -32.63 -8.58
CA LYS A 284 5.29 -32.18 -8.67
C LYS A 284 4.95 -31.31 -7.48
N TYR A 285 3.99 -30.41 -7.68
CA TYR A 285 3.58 -29.47 -6.65
C TYR A 285 2.68 -30.16 -5.62
N SER A 286 2.18 -29.37 -4.67
CA SER A 286 1.31 -29.86 -3.61
C SER A 286 -0.03 -29.16 -3.70
N PHE A 287 -1.10 -29.94 -3.88
CA PHE A 287 -2.46 -29.41 -3.95
C PHE A 287 -3.30 -30.13 -2.90
N GLY A 288 -3.44 -29.52 -1.73
CA GLY A 288 -4.14 -30.15 -0.63
C GLY A 288 -3.41 -31.37 -0.11
N ALA A 289 -3.93 -32.55 -0.43
CA ALA A 289 -3.30 -33.81 -0.07
C ALA A 289 -2.86 -34.60 -1.30
N THR A 290 -2.77 -33.94 -2.46
CA THR A 290 -2.36 -34.59 -3.69
C THR A 290 -1.10 -33.94 -4.24
N CYS A 291 -0.41 -34.67 -5.12
CA CYS A 291 0.79 -34.19 -5.78
C CYS A 291 0.50 -34.12 -7.28
N VAL A 292 0.46 -32.91 -7.83
CA VAL A 292 0.06 -32.68 -9.21
C VAL A 292 1.24 -32.12 -9.98
N LYS A 293 1.38 -32.55 -11.24
CA LYS A 293 2.39 -31.98 -12.13
C LYS A 293 2.16 -30.50 -12.34
N LYS A 294 0.90 -30.10 -12.53
CA LYS A 294 0.53 -28.71 -12.70
C LYS A 294 -0.66 -28.39 -11.79
N CYS A 295 -0.68 -27.18 -11.26
CA CYS A 295 -1.83 -26.74 -10.48
C CYS A 295 -3.06 -26.66 -11.38
N PRO A 296 -4.24 -26.90 -10.82
CA PRO A 296 -5.46 -26.88 -11.64
C PRO A 296 -5.77 -25.51 -12.22
N ARG A 297 -6.88 -25.42 -12.96
CA ARG A 297 -7.24 -24.17 -13.61
C ARG A 297 -7.48 -23.06 -12.58
N ASN A 298 -6.97 -21.87 -12.88
CA ASN A 298 -7.08 -20.71 -11.99
C ASN A 298 -6.45 -20.99 -10.63
N TYR A 299 -5.22 -21.49 -10.66
CA TYR A 299 -4.45 -21.76 -9.45
C TYR A 299 -3.01 -21.34 -9.67
N VAL A 300 -2.39 -20.81 -8.62
CA VAL A 300 -1.04 -20.28 -8.67
C VAL A 300 -0.15 -21.07 -7.72
N VAL A 301 1.12 -21.18 -8.08
CA VAL A 301 2.11 -21.88 -7.27
C VAL A 301 2.85 -20.87 -6.41
N THR A 302 3.12 -21.24 -5.16
CA THR A 302 3.81 -20.37 -4.22
C THR A 302 5.31 -20.66 -4.22
N ASP A 303 6.04 -19.93 -3.38
CA ASP A 303 7.48 -20.11 -3.26
C ASP A 303 7.85 -21.34 -2.45
N HIS A 304 6.91 -21.96 -1.76
CA HIS A 304 7.15 -23.17 -1.01
C HIS A 304 6.63 -24.41 -1.72
N GLY A 305 6.24 -24.29 -2.98
CA GLY A 305 5.81 -25.44 -3.76
C GLY A 305 4.44 -25.95 -3.39
N SER A 306 3.41 -25.12 -3.56
CA SER A 306 2.04 -25.52 -3.25
C SER A 306 1.09 -24.75 -4.17
N CYS A 307 -0.07 -25.35 -4.42
CA CYS A 307 -1.10 -24.73 -5.24
C CYS A 307 -2.08 -23.99 -4.33
N VAL A 308 -2.24 -22.69 -4.57
CA VAL A 308 -3.10 -21.83 -3.77
C VAL A 308 -4.08 -21.12 -4.69
N ARG A 309 -5.28 -20.87 -4.18
CA ARG A 309 -6.32 -20.22 -4.97
C ARG A 309 -5.86 -18.86 -5.49
N ALA A 310 -5.17 -18.08 -4.65
CA ALA A 310 -4.67 -16.78 -5.06
C ALA A 310 -3.55 -16.37 -4.12
N CYS A 311 -2.55 -15.66 -4.68
CA CYS A 311 -1.44 -15.17 -3.88
C CYS A 311 -1.95 -14.18 -2.84
N GLY A 312 -1.82 -14.52 -1.57
CA GLY A 312 -2.36 -13.69 -0.50
C GLY A 312 -1.60 -12.40 -0.28
N ALA A 313 -1.79 -11.79 0.89
CA ALA A 313 -1.11 -10.55 1.20
C ALA A 313 0.40 -10.76 1.28
N ASP A 314 1.15 -9.66 1.16
CA ASP A 314 2.61 -9.67 1.20
C ASP A 314 3.20 -10.52 0.09
N SER A 315 2.47 -10.64 -1.03
CA SER A 315 2.92 -11.43 -2.17
C SER A 315 2.10 -11.03 -3.39
N TYR A 316 2.75 -11.07 -4.56
CA TYR A 316 2.10 -10.72 -5.82
C TYR A 316 2.26 -11.87 -6.80
N GLU A 317 1.60 -11.72 -7.96
CA GLU A 317 1.53 -12.77 -8.97
C GLU A 317 2.40 -12.43 -10.16
N MET A 318 3.12 -13.43 -10.67
CA MET A 318 4.02 -13.25 -11.80
C MET A 318 4.06 -14.53 -12.61
N GLU A 319 4.28 -14.39 -13.91
CA GLU A 319 4.23 -15.51 -14.85
C GLU A 319 5.64 -16.01 -15.14
N GLU A 320 5.82 -17.33 -15.08
CA GLU A 320 7.08 -17.97 -15.41
C GLU A 320 6.79 -19.24 -16.22
N ASP A 321 7.45 -19.38 -17.37
CA ASP A 321 7.27 -20.52 -18.26
C ASP A 321 5.82 -20.68 -18.69
N GLY A 322 5.08 -19.57 -18.77
CA GLY A 322 3.67 -19.62 -19.09
C GLY A 322 2.77 -20.06 -17.96
N VAL A 323 3.33 -20.33 -16.79
CA VAL A 323 2.56 -20.78 -15.62
C VAL A 323 2.65 -19.70 -14.55
N ARG A 324 1.52 -19.38 -13.94
CA ARG A 324 1.47 -18.35 -12.92
C ARG A 324 2.18 -18.82 -11.65
N LYS A 325 2.87 -17.90 -10.99
CA LYS A 325 3.61 -18.20 -9.77
C LYS A 325 3.55 -17.01 -8.83
N CYS A 326 3.45 -17.29 -7.53
CA CYS A 326 3.44 -16.24 -6.52
C CYS A 326 4.86 -15.79 -6.21
N LYS A 327 5.02 -14.49 -6.00
CA LYS A 327 6.30 -13.90 -5.61
C LYS A 327 6.04 -12.88 -4.51
N LYS A 328 6.96 -12.78 -3.56
CA LYS A 328 6.83 -11.82 -2.48
C LYS A 328 6.93 -10.40 -3.01
N CYS A 329 6.17 -9.50 -2.38
CA CYS A 329 6.12 -8.12 -2.84
C CYS A 329 7.44 -7.40 -2.58
N GLU A 330 7.89 -6.65 -3.58
CA GLU A 330 9.02 -5.74 -3.39
C GLU A 330 8.61 -4.62 -2.44
N GLY A 331 8.87 -4.79 -1.16
CA GLY A 331 8.38 -3.87 -0.16
C GLY A 331 6.87 -3.96 -0.04
N PRO A 332 6.22 -2.82 0.22
CA PRO A 332 4.75 -2.80 0.20
C PRO A 332 4.20 -3.28 -1.13
N CYS A 333 3.07 -3.98 -1.07
CA CYS A 333 2.43 -4.45 -2.28
C CYS A 333 1.71 -3.31 -3.00
N ARG A 334 1.34 -3.57 -4.26
CA ARG A 334 0.65 -2.56 -5.05
C ARG A 334 -0.76 -2.36 -4.54
N LYS A 335 -1.09 -1.13 -4.13
CA LYS A 335 -2.40 -0.78 -3.59
C LYS A 335 -2.73 0.63 -4.07
N VAL A 336 -3.41 0.71 -5.21
CA VAL A 336 -3.80 2.00 -5.76
C VAL A 336 -4.87 2.63 -4.87
N CYS A 337 -4.83 3.96 -4.76
CA CYS A 337 -5.75 4.70 -3.92
C CYS A 337 -6.13 6.00 -4.60
N ASN A 338 -7.40 6.37 -4.47
CA ASN A 338 -7.88 7.62 -5.05
C ASN A 338 -7.27 8.82 -4.31
N GLY A 339 -6.82 9.80 -5.08
CA GLY A 339 -6.23 11.00 -4.52
C GLY A 339 -7.21 12.16 -4.43
N ILE A 340 -6.66 13.33 -4.15
CA ILE A 340 -7.48 14.54 -4.05
C ILE A 340 -8.10 14.84 -5.41
N GLY A 341 -9.42 14.90 -5.45
CA GLY A 341 -10.14 15.18 -6.67
C GLY A 341 -10.77 13.99 -7.35
N ILE A 342 -10.69 12.80 -6.75
CA ILE A 342 -11.21 11.58 -7.35
C ILE A 342 -12.08 10.87 -6.32
N GLY A 343 -13.35 10.65 -6.66
CA GLY A 343 -14.21 9.84 -5.82
C GLY A 343 -14.53 10.53 -4.50
N GLU A 344 -14.26 9.82 -3.40
CA GLU A 344 -14.56 10.34 -2.07
C GLU A 344 -13.77 11.61 -1.74
N PHE A 345 -12.63 11.82 -2.40
CA PHE A 345 -11.75 12.93 -2.08
C PHE A 345 -11.92 14.11 -3.03
N LYS A 346 -12.91 14.05 -3.93
CA LYS A 346 -13.25 15.22 -4.72
C LYS A 346 -13.87 16.28 -3.81
N ASP A 347 -13.58 17.54 -4.11
CA ASP A 347 -13.98 18.72 -3.33
C ASP A 347 -13.29 18.77 -1.97
N SER A 348 -12.28 17.93 -1.74
CA SER A 348 -11.49 18.00 -0.51
C SER A 348 -10.34 18.97 -0.72
N LEU A 349 -10.20 19.93 0.20
CA LEU A 349 -9.22 20.99 0.02
C LEU A 349 -7.80 20.48 0.20
N SER A 350 -7.56 19.61 1.18
CA SER A 350 -6.22 19.13 1.44
C SER A 350 -6.29 17.81 2.20
N ILE A 351 -5.16 17.10 2.21
CA ILE A 351 -5.00 15.89 3.02
C ILE A 351 -5.07 16.30 4.48
N ASN A 352 -6.13 15.90 5.17
CA ASN A 352 -6.33 16.27 6.57
C ASN A 352 -6.45 15.02 7.43
N ALA A 353 -6.73 15.24 8.72
CA ALA A 353 -6.86 14.14 9.66
C ALA A 353 -8.11 13.30 9.44
N THR A 354 -9.04 13.76 8.60
CA THR A 354 -10.27 13.01 8.37
C THR A 354 -10.08 11.95 7.29
N ASN A 355 -9.40 12.29 6.20
CA ASN A 355 -9.23 11.37 5.08
C ASN A 355 -7.90 10.64 5.09
N ILE A 356 -6.97 11.00 5.99
CA ILE A 356 -5.67 10.34 6.01
C ILE A 356 -5.77 8.89 6.45
N LYS A 357 -6.89 8.50 7.06
CA LYS A 357 -7.10 7.10 7.39
C LYS A 357 -7.24 6.24 6.15
N HIS A 358 -7.76 6.80 5.06
CA HIS A 358 -7.92 6.08 3.81
C HIS A 358 -6.63 5.93 3.03
N PHE A 359 -5.53 6.53 3.49
CA PHE A 359 -4.26 6.48 2.78
C PHE A 359 -3.26 5.52 3.42
N LYS A 360 -3.71 4.65 4.33
CA LYS A 360 -2.81 3.68 4.93
C LYS A 360 -2.41 2.63 3.92
N ASN A 361 -1.12 2.30 3.90
CA ASN A 361 -0.52 1.30 3.00
C ASN A 361 -0.69 1.64 1.53
N CYS A 362 -1.04 2.88 1.20
CA CYS A 362 -1.19 3.27 -0.20
C CYS A 362 0.18 3.51 -0.81
N THR A 363 0.38 2.99 -2.03
CA THR A 363 1.64 3.14 -2.74
C THR A 363 1.52 3.83 -4.09
N SER A 364 0.32 3.92 -4.65
CA SER A 364 0.09 4.59 -5.92
C SER A 364 -1.16 5.45 -5.79
N ILE A 365 -1.00 6.75 -5.90
CA ILE A 365 -2.11 7.70 -5.76
C ILE A 365 -2.71 7.96 -7.14
N SER A 366 -4.00 7.66 -7.29
CA SER A 366 -4.70 7.91 -8.54
C SER A 366 -5.46 9.23 -8.45
N GLY A 367 -4.68 10.30 -8.49
CA GLY A 367 -5.24 11.65 -8.39
C GLY A 367 -4.16 12.64 -7.97
N ASP A 368 -4.61 13.66 -7.24
CA ASP A 368 -3.74 14.73 -6.77
C ASP A 368 -3.49 14.59 -5.27
N LEU A 369 -2.54 15.38 -4.78
CA LEU A 369 -2.24 15.44 -3.35
C LEU A 369 -2.07 16.89 -2.95
N HIS A 370 -2.91 17.36 -2.04
CA HIS A 370 -2.85 18.73 -1.54
C HIS A 370 -2.34 18.70 -0.11
N ILE A 371 -1.26 19.42 0.14
CA ILE A 371 -0.69 19.57 1.48
C ILE A 371 -0.74 21.05 1.81
N LEU A 372 -1.86 21.49 2.38
CA LEU A 372 -2.12 22.89 2.64
C LEU A 372 -2.14 23.18 4.15
N PRO A 373 -1.91 24.44 4.55
CA PRO A 373 -1.88 24.75 5.99
C PRO A 373 -3.22 24.57 6.68
N VAL A 374 -4.32 24.44 5.94
CA VAL A 374 -5.61 24.23 6.56
C VAL A 374 -5.69 22.88 7.26
N ALA A 375 -4.80 21.94 6.91
CA ALA A 375 -4.81 20.64 7.57
C ALA A 375 -4.30 20.75 9.00
N PHE A 376 -3.13 21.37 9.19
CA PHE A 376 -2.56 21.51 10.52
C PHE A 376 -3.33 22.48 11.39
N ARG A 377 -4.15 23.34 10.80
CA ARG A 377 -4.92 24.33 11.53
C ARG A 377 -6.38 23.93 11.71
N GLY A 378 -6.98 23.33 10.71
CA GLY A 378 -8.38 22.94 10.77
C GLY A 378 -9.32 24.11 10.54
N ASP A 379 -10.52 23.78 10.08
CA ASP A 379 -11.56 24.77 9.85
C ASP A 379 -12.88 24.26 10.41
N SER A 380 -13.78 25.19 10.70
CA SER A 380 -15.06 24.85 11.30
C SER A 380 -16.14 24.51 10.28
N PHE A 381 -15.93 24.84 9.00
CA PHE A 381 -16.95 24.57 7.99
C PHE A 381 -17.02 23.08 7.67
N THR A 382 -15.87 22.42 7.52
CA THR A 382 -15.82 21.01 7.19
C THR A 382 -15.83 20.11 8.43
N HIS A 383 -15.83 20.69 9.63
CA HIS A 383 -15.85 19.93 10.88
C HIS A 383 -14.68 18.95 10.96
N THR A 384 -13.48 19.46 10.68
CA THR A 384 -12.28 18.63 10.63
C THR A 384 -11.28 19.10 11.67
N PRO A 385 -10.75 18.21 12.49
CA PRO A 385 -9.76 18.61 13.50
C PRO A 385 -8.40 18.83 12.86
N PRO A 386 -7.51 19.54 13.54
CA PRO A 386 -6.15 19.72 13.01
C PRO A 386 -5.49 18.38 12.68
N LEU A 387 -4.68 18.38 11.61
CA LEU A 387 -3.96 17.19 11.20
C LEU A 387 -2.72 17.02 12.07
N ASP A 388 -2.59 15.84 12.68
CA ASP A 388 -1.43 15.56 13.51
C ASP A 388 -0.19 15.39 12.63
N PRO A 389 0.89 16.12 12.90
CA PRO A 389 2.08 16.01 12.03
C PRO A 389 2.69 14.62 12.00
N GLN A 390 2.54 13.83 13.07
CA GLN A 390 3.12 12.49 13.07
C GLN A 390 2.43 11.57 12.08
N GLU A 391 1.15 11.81 11.79
CA GLU A 391 0.42 10.98 10.83
C GLU A 391 0.85 11.22 9.40
N LEU A 392 1.75 12.17 9.14
CA LEU A 392 2.20 12.41 7.77
C LEU A 392 3.05 11.26 7.23
N ASP A 393 3.62 10.44 8.11
CA ASP A 393 4.40 9.28 7.67
C ASP A 393 3.54 8.17 7.10
N ILE A 394 2.22 8.36 7.01
CA ILE A 394 1.34 7.32 6.48
C ILE A 394 1.62 7.09 5.00
N LEU A 395 1.69 8.17 4.22
CA LEU A 395 1.92 8.09 2.79
C LEU A 395 3.39 7.99 2.43
N LYS A 396 4.24 7.55 3.36
CA LYS A 396 5.64 7.32 3.04
C LYS A 396 5.81 6.19 2.04
N THR A 397 4.85 5.27 1.96
CA THR A 397 4.88 4.16 1.03
C THR A 397 4.44 4.55 -0.38
N VAL A 398 3.98 5.79 -0.58
CA VAL A 398 3.52 6.21 -1.90
C VAL A 398 4.69 6.29 -2.85
N LYS A 399 4.55 5.65 -4.02
CA LYS A 399 5.59 5.64 -5.03
C LYS A 399 5.15 6.25 -6.36
N GLU A 400 3.86 6.50 -6.56
CA GLU A 400 3.36 7.00 -7.83
C GLU A 400 2.25 8.01 -7.57
N ILE A 401 2.26 9.08 -8.37
CA ILE A 401 1.21 10.10 -8.33
C ILE A 401 0.77 10.36 -9.76
N THR A 402 -0.50 10.05 -10.07
CA THR A 402 -0.99 10.23 -11.43
C THR A 402 -1.28 11.68 -11.76
N GLY A 403 -1.59 12.50 -10.75
CA GLY A 403 -1.84 13.91 -10.97
C GLY A 403 -0.65 14.78 -10.59
N PHE A 404 -0.91 15.84 -9.84
CA PHE A 404 0.15 16.74 -9.38
C PHE A 404 0.33 16.62 -7.88
N LEU A 405 1.37 17.29 -7.37
CA LEU A 405 1.68 17.33 -5.96
C LEU A 405 1.79 18.79 -5.53
N LEU A 406 0.87 19.23 -4.69
CA LEU A 406 0.82 20.60 -4.19
C LEU A 406 1.15 20.58 -2.71
N ILE A 407 2.31 21.14 -2.35
CA ILE A 407 2.77 21.20 -0.97
C ILE A 407 3.09 22.65 -0.66
N GLN A 408 2.23 23.32 0.10
CA GLN A 408 2.52 24.65 0.62
C GLN A 408 2.55 24.67 2.14
N ALA A 409 2.53 23.50 2.78
CA ALA A 409 2.63 23.39 4.23
C ALA A 409 3.41 22.13 4.57
N TRP A 410 4.11 22.17 5.70
CA TRP A 410 4.90 21.04 6.16
C TRP A 410 5.13 21.20 7.65
N PRO A 411 5.22 20.10 8.40
CA PRO A 411 5.43 20.20 9.85
C PRO A 411 6.70 20.97 10.19
N GLU A 412 6.79 21.35 11.45
CA GLU A 412 7.79 22.33 11.88
C GLU A 412 9.20 21.74 11.87
N ASN A 413 9.42 20.69 12.67
CA ASN A 413 10.76 20.21 12.98
C ASN A 413 11.34 19.31 11.89
N ARG A 414 10.71 19.19 10.74
CA ARG A 414 11.20 18.33 9.66
C ARG A 414 12.04 19.16 8.70
N THR A 415 13.29 18.74 8.49
CA THR A 415 14.21 19.47 7.64
C THR A 415 14.08 19.12 6.16
N ASP A 416 13.27 18.10 5.82
CA ASP A 416 13.10 17.71 4.43
C ASP A 416 11.77 16.99 4.30
N LEU A 417 11.39 16.72 3.05
CA LEU A 417 10.17 15.97 2.75
C LEU A 417 10.42 14.50 3.07
N HIS A 418 10.39 14.19 4.36
CA HIS A 418 10.69 12.84 4.81
C HIS A 418 9.63 11.85 4.37
N ALA A 419 8.38 12.29 4.25
CA ALA A 419 7.28 11.40 3.87
C ALA A 419 7.24 11.10 2.37
N PHE A 420 8.11 11.72 1.57
CA PHE A 420 8.13 11.51 0.13
C PHE A 420 9.47 10.99 -0.36
N GLU A 421 10.28 10.40 0.52
CA GLU A 421 11.57 9.86 0.11
C GLU A 421 11.45 8.62 -0.77
N ASN A 422 10.26 8.05 -0.90
CA ASN A 422 10.04 6.86 -1.70
C ASN A 422 9.12 7.13 -2.89
N LEU A 423 9.07 8.38 -3.35
CA LEU A 423 8.30 8.76 -4.53
C LEU A 423 9.24 8.80 -5.72
N GLU A 424 8.84 8.17 -6.82
CA GLU A 424 9.70 8.05 -8.00
C GLU A 424 9.07 8.56 -9.29
N ILE A 425 7.75 8.72 -9.37
CA ILE A 425 7.11 9.10 -10.62
C ILE A 425 5.93 10.01 -10.31
N ILE A 426 5.86 11.14 -11.01
CA ILE A 426 4.73 12.06 -10.96
C ILE A 426 4.23 12.20 -12.39
N ARG A 427 3.08 11.58 -12.69
CA ARG A 427 2.57 11.57 -14.06
C ARG A 427 2.22 12.98 -14.53
N GLY A 428 1.42 13.69 -13.75
CA GLY A 428 1.04 15.03 -14.13
C GLY A 428 -0.03 15.13 -15.18
N ARG A 429 -1.00 14.21 -15.18
CA ARG A 429 -2.10 14.30 -16.13
C ARG A 429 -2.96 15.52 -15.84
N THR A 430 -3.14 15.86 -14.57
CA THR A 430 -3.77 17.10 -14.15
C THR A 430 -2.70 18.03 -13.59
N LYS A 431 -2.83 19.32 -13.88
CA LYS A 431 -1.78 20.29 -13.56
C LYS A 431 -2.36 21.46 -12.76
N GLN A 432 -1.48 22.09 -11.97
CA GLN A 432 -1.85 23.27 -11.22
C GLN A 432 -1.70 24.51 -12.08
N HIS A 433 -2.71 25.38 -12.05
CA HIS A 433 -2.72 26.62 -12.83
C HIS A 433 -2.54 26.34 -14.33
N GLY A 434 -2.96 25.16 -14.76
CA GLY A 434 -2.72 24.74 -16.13
C GLY A 434 -1.27 24.62 -16.51
N GLN A 435 -0.38 24.51 -15.52
CA GLN A 435 1.06 24.49 -15.78
C GLN A 435 1.79 23.41 -14.99
N PHE A 436 1.87 23.59 -13.68
CA PHE A 436 2.81 22.86 -12.84
C PHE A 436 2.24 21.54 -12.36
N SER A 437 3.09 20.52 -12.29
CA SER A 437 2.75 19.24 -11.71
C SER A 437 3.45 18.96 -10.39
N LEU A 438 4.42 19.80 -10.00
CA LEU A 438 5.11 19.67 -8.72
C LEU A 438 5.26 21.06 -8.13
N ALA A 439 4.52 21.33 -7.05
CA ALA A 439 4.49 22.64 -6.41
C ALA A 439 4.90 22.49 -4.96
N VAL A 440 6.09 22.98 -4.62
CA VAL A 440 6.60 22.98 -3.25
C VAL A 440 6.96 24.42 -2.94
N VAL A 441 6.07 25.12 -2.23
CA VAL A 441 6.20 26.56 -2.01
C VAL A 441 6.01 26.87 -0.53
N SER A 442 6.72 27.92 -0.08
CA SER A 442 6.55 28.50 1.25
C SER A 442 6.72 27.46 2.36
N LEU A 443 7.92 26.91 2.43
CA LEU A 443 8.28 25.93 3.45
C LEU A 443 9.55 26.37 4.15
N ASN A 444 9.81 25.75 5.32
CA ASN A 444 11.00 26.00 6.11
C ASN A 444 11.95 24.80 6.11
N ILE A 445 11.90 23.98 5.05
CA ILE A 445 12.76 22.81 4.98
C ILE A 445 14.14 23.21 4.49
N THR A 446 15.10 22.32 4.74
CA THR A 446 16.49 22.54 4.34
C THR A 446 16.81 21.89 3.00
N SER A 447 16.43 20.62 2.83
CA SER A 447 16.62 19.90 1.59
C SER A 447 15.28 19.37 1.09
N LEU A 448 15.23 19.07 -0.21
CA LEU A 448 14.00 18.53 -0.79
C LEU A 448 13.74 17.11 -0.32
N GLY A 449 14.78 16.28 -0.25
CA GLY A 449 14.65 14.92 0.21
C GLY A 449 14.00 13.96 -0.76
N LEU A 450 13.78 14.37 -2.01
CA LEU A 450 13.18 13.51 -3.03
C LEU A 450 14.28 12.65 -3.65
N ARG A 451 14.79 11.72 -2.85
CA ARG A 451 15.93 10.91 -3.28
C ARG A 451 15.57 9.95 -4.42
N SER A 452 14.34 9.45 -4.44
CA SER A 452 13.94 8.41 -5.39
C SER A 452 13.20 8.95 -6.60
N LEU A 453 12.94 10.25 -6.67
CA LEU A 453 12.21 10.82 -7.81
C LEU A 453 13.06 10.69 -9.07
N LYS A 454 12.59 9.89 -10.02
CA LYS A 454 13.34 9.60 -11.23
C LYS A 454 12.64 10.00 -12.53
N GLU A 455 11.35 10.35 -12.49
CA GLU A 455 10.65 10.68 -13.72
C GLU A 455 9.48 11.61 -13.42
N ILE A 456 9.37 12.68 -14.22
CA ILE A 456 8.21 13.57 -14.22
C ILE A 456 7.75 13.63 -15.67
N SER A 457 6.71 12.88 -16.00
CA SER A 457 6.32 12.70 -17.41
C SER A 457 5.82 14.02 -18.01
N ASP A 458 4.87 14.67 -17.35
CA ASP A 458 4.30 15.90 -17.87
C ASP A 458 4.13 16.90 -16.73
N GLY A 459 3.98 18.16 -17.10
CA GLY A 459 3.78 19.23 -16.13
C GLY A 459 5.08 19.94 -15.78
N ASP A 460 4.93 21.16 -15.27
CA ASP A 460 6.06 21.97 -14.87
C ASP A 460 6.34 21.80 -13.37
N VAL A 461 7.46 22.35 -12.93
CA VAL A 461 7.90 22.26 -11.55
C VAL A 461 8.14 23.67 -11.03
N ILE A 462 7.49 24.02 -9.92
CA ILE A 462 7.68 25.30 -9.25
C ILE A 462 8.09 25.03 -7.81
N ILE A 463 9.22 25.59 -7.41
CA ILE A 463 9.74 25.48 -6.04
C ILE A 463 10.24 26.87 -5.66
N SER A 464 9.37 27.66 -5.00
CA SER A 464 9.69 29.04 -4.69
C SER A 464 9.13 29.40 -3.32
N GLY A 465 9.86 30.27 -2.62
CA GLY A 465 9.43 30.76 -1.33
C GLY A 465 9.95 29.99 -0.13
N ASN A 466 10.90 29.08 -0.33
CA ASN A 466 11.45 28.29 0.77
C ASN A 466 12.83 28.87 1.12
N LYS A 467 12.79 29.90 1.96
CA LYS A 467 13.97 30.71 2.26
C LYS A 467 15.06 29.96 3.02
N ASN A 468 14.86 28.69 3.36
CA ASN A 468 15.89 27.88 4.00
C ASN A 468 16.25 26.64 3.17
N LEU A 469 15.76 26.55 1.94
CA LEU A 469 15.94 25.37 1.11
C LEU A 469 17.13 25.56 0.18
N CYS A 470 18.08 24.63 0.24
CA CYS A 470 19.23 24.60 -0.64
C CYS A 470 19.07 23.44 -1.63
N TYR A 471 20.13 23.19 -2.40
CA TYR A 471 20.21 22.05 -3.33
C TYR A 471 19.19 22.13 -4.46
N ALA A 472 18.25 23.07 -4.39
CA ALA A 472 17.13 23.08 -5.32
C ALA A 472 17.59 23.44 -6.74
N ASN A 473 18.56 24.35 -6.86
CA ASN A 473 19.02 24.78 -8.17
C ASN A 473 20.01 23.81 -8.81
N THR A 474 20.40 22.74 -8.10
CA THR A 474 21.42 21.83 -8.62
C THR A 474 20.82 20.75 -9.52
N ILE A 475 19.59 20.32 -9.24
CA ILE A 475 19.01 19.19 -9.94
C ILE A 475 18.87 19.50 -11.43
N ASN A 476 19.35 18.59 -12.26
CA ASN A 476 19.17 18.68 -13.71
C ASN A 476 17.79 18.14 -14.04
N TRP A 477 16.85 19.04 -14.34
CA TRP A 477 15.46 18.65 -14.50
C TRP A 477 15.14 18.07 -15.87
N LYS A 478 15.97 18.32 -16.88
CA LYS A 478 15.72 17.73 -18.19
C LYS A 478 15.93 16.22 -18.18
N LYS A 479 16.58 15.69 -17.16
CA LYS A 479 16.72 14.24 -17.03
C LYS A 479 15.44 13.59 -16.53
N LEU A 480 14.67 14.30 -15.69
CA LEU A 480 13.43 13.77 -15.16
C LEU A 480 12.23 13.99 -16.08
N PHE A 481 12.33 14.92 -17.02
CA PHE A 481 11.20 15.25 -17.88
C PHE A 481 10.96 14.14 -18.90
N GLY A 482 9.75 14.15 -19.46
CA GLY A 482 9.37 13.19 -20.48
C GLY A 482 8.55 13.79 -21.60
N THR A 483 8.11 15.03 -21.40
CA THR A 483 7.33 15.77 -22.39
C THR A 483 8.13 16.96 -22.87
N SER A 484 8.13 17.17 -24.19
CA SER A 484 8.85 18.30 -24.77
C SER A 484 8.13 19.60 -24.43
N GLY A 485 8.86 20.54 -23.82
CA GLY A 485 8.30 21.82 -23.44
C GLY A 485 8.14 22.04 -21.96
N GLN A 486 8.54 21.09 -21.12
CA GLN A 486 8.42 21.26 -19.68
C GLN A 486 9.45 22.26 -19.18
N LYS A 487 9.00 23.18 -18.32
CA LYS A 487 9.84 24.23 -17.79
C LYS A 487 9.94 24.09 -16.27
N THR A 488 10.92 24.79 -15.69
CA THR A 488 11.14 24.80 -14.26
C THR A 488 11.22 26.24 -13.77
N LYS A 489 10.68 26.49 -12.58
CA LYS A 489 10.71 27.81 -11.95
C LYS A 489 11.09 27.60 -10.49
N ILE A 490 12.39 27.76 -10.19
CA ILE A 490 12.94 27.53 -8.85
C ILE A 490 13.68 28.81 -8.47
N ILE A 491 13.03 29.64 -7.66
CA ILE A 491 13.56 30.95 -7.28
C ILE A 491 13.16 31.24 -5.84
N SER A 492 13.73 32.32 -5.28
CA SER A 492 13.36 32.86 -3.98
C SER A 492 13.42 31.78 -2.90
N ASN A 493 14.52 31.03 -2.90
CA ASN A 493 14.77 30.01 -1.89
C ASN A 493 15.92 30.50 -0.99
N ARG A 494 16.93 29.68 -0.71
CA ARG A 494 18.14 30.12 -0.03
C ARG A 494 19.22 30.35 -1.07
N GLY A 495 19.85 31.52 -1.03
CA GLY A 495 20.84 31.85 -2.03
C GLY A 495 22.00 30.88 -2.05
N GLU A 496 22.52 30.63 -3.25
CA GLU A 496 23.62 29.67 -3.40
C GLU A 496 24.88 30.16 -2.70
N ASN A 497 25.10 31.48 -2.63
CA ASN A 497 26.22 32.00 -1.86
C ASN A 497 26.08 31.68 -0.39
N SER A 498 24.86 31.65 0.13
CA SER A 498 24.64 31.29 1.52
C SER A 498 24.69 29.77 1.73
N CYS A 499 24.27 28.99 0.74
CA CYS A 499 24.34 27.54 0.86
C CYS A 499 25.77 27.04 0.79
N LYS A 500 26.56 27.57 -0.16
CA LYS A 500 27.95 27.11 -0.30
C LYS A 500 28.80 27.51 0.90
N ALA A 501 28.52 28.66 1.51
CA ALA A 501 29.31 29.09 2.66
C ALA A 501 29.05 28.20 3.88
N THR A 502 27.83 27.69 4.01
CA THR A 502 27.48 26.82 5.13
C THR A 502 27.65 25.34 4.81
N GLY A 503 28.24 25.02 3.66
CA GLY A 503 28.45 23.64 3.27
C GLY A 503 27.27 22.96 2.63
N GLN A 504 26.13 23.65 2.50
CA GLN A 504 24.94 23.05 1.90
C GLN A 504 25.09 22.94 0.40
N VAL A 505 25.99 22.07 -0.06
CA VAL A 505 26.25 21.85 -1.48
C VAL A 505 26.22 20.36 -1.74
N CYS A 506 26.17 20.00 -3.02
CA CYS A 506 26.15 18.58 -3.38
C CYS A 506 27.46 17.91 -2.97
N HIS A 507 27.35 16.63 -2.61
CA HIS A 507 28.51 15.87 -2.18
C HIS A 507 29.52 15.74 -3.33
N ALA A 508 30.79 15.56 -2.96
CA ALA A 508 31.84 15.43 -3.96
C ALA A 508 31.67 14.18 -4.82
N LEU A 509 30.89 13.21 -4.37
CA LEU A 509 30.65 11.99 -5.12
C LEU A 509 29.47 12.10 -6.09
N CYS A 510 28.66 13.15 -5.97
CA CYS A 510 27.54 13.32 -6.89
C CYS A 510 28.03 13.74 -8.26
N SER A 511 27.26 13.37 -9.29
CA SER A 511 27.54 13.78 -10.65
C SER A 511 27.14 15.23 -10.83
N PRO A 512 27.61 15.89 -11.90
CA PRO A 512 27.19 17.28 -12.17
C PRO A 512 25.70 17.45 -12.42
N GLU A 513 24.90 16.37 -12.37
CA GLU A 513 23.46 16.44 -12.58
C GLU A 513 22.67 16.83 -11.34
N GLY A 514 23.35 17.22 -10.27
CA GLY A 514 22.68 17.74 -9.09
C GLY A 514 22.51 16.71 -7.98
N CYS A 515 21.76 17.14 -6.97
CA CYS A 515 21.53 16.31 -5.79
C CYS A 515 20.30 16.83 -5.07
N TRP A 516 19.76 15.97 -4.19
CA TRP A 516 18.61 16.32 -3.36
C TRP A 516 19.01 16.64 -1.92
N GLY A 517 20.30 16.62 -1.60
CA GLY A 517 20.76 16.86 -0.25
C GLY A 517 22.26 16.75 -0.14
N PRO A 518 22.78 16.85 1.09
CA PRO A 518 24.24 16.83 1.27
C PRO A 518 24.84 15.44 1.20
N GLU A 519 24.12 14.45 1.74
CA GLU A 519 24.68 13.11 1.85
C GLU A 519 24.82 12.47 0.48
N PRO A 520 25.74 11.50 0.32
CA PRO A 520 25.87 10.81 -0.97
C PRO A 520 24.66 9.99 -1.36
N ARG A 521 23.74 9.73 -0.43
CA ARG A 521 22.49 9.04 -0.76
C ARG A 521 21.55 9.92 -1.59
N ASP A 522 21.85 11.19 -1.74
CA ASP A 522 20.94 12.16 -2.36
C ASP A 522 21.35 12.54 -3.77
N CYS A 523 22.40 11.94 -4.32
CA CYS A 523 22.82 12.27 -5.68
C CYS A 523 21.79 11.81 -6.69
N VAL A 524 21.53 12.65 -7.70
CA VAL A 524 20.71 12.22 -8.83
C VAL A 524 21.40 11.08 -9.56
N SER A 525 22.72 11.16 -9.69
CA SER A 525 23.52 10.08 -10.25
C SER A 525 24.94 10.23 -9.70
N CYS A 526 25.69 9.14 -9.77
CA CYS A 526 27.05 9.12 -9.27
C CYS A 526 28.04 9.45 -10.39
N ARG A 527 29.11 10.15 -10.03
CA ARG A 527 30.12 10.51 -11.01
C ARG A 527 30.99 9.33 -11.42
N ASN A 528 30.99 8.26 -10.61
CA ASN A 528 31.73 7.05 -10.99
C ASN A 528 30.83 5.83 -10.92
N VAL A 529 30.76 5.20 -9.75
CA VAL A 529 29.97 4.00 -9.54
C VAL A 529 29.12 4.17 -8.28
N SER A 530 28.28 3.17 -8.01
CA SER A 530 27.40 3.19 -6.86
C SER A 530 27.35 1.81 -6.23
N ARG A 531 27.23 1.78 -4.91
CA ARG A 531 27.06 0.54 -4.15
C ARG A 531 25.69 0.62 -3.46
N GLY A 532 24.70 -0.04 -4.05
CA GLY A 532 23.34 0.06 -3.57
C GLY A 532 22.68 1.35 -4.01
N ARG A 533 22.23 2.16 -3.05
CA ARG A 533 21.65 3.46 -3.32
C ARG A 533 22.56 4.61 -2.92
N GLU A 534 23.80 4.32 -2.54
CA GLU A 534 24.76 5.33 -2.10
C GLU A 534 25.89 5.42 -3.12
N CYS A 535 26.27 6.66 -3.47
CA CYS A 535 27.40 6.87 -4.35
C CYS A 535 28.71 6.68 -3.58
N VAL A 536 29.69 6.08 -4.25
CA VAL A 536 30.99 5.81 -3.65
C VAL A 536 32.07 6.09 -4.69
N ASP A 537 33.31 6.21 -4.22
CA ASP A 537 34.41 6.56 -5.11
C ASP A 537 34.71 5.42 -6.09
N LYS A 538 34.83 4.20 -5.60
CA LYS A 538 35.16 3.07 -6.45
C LYS A 538 34.59 1.80 -5.85
N CYS A 539 34.45 0.78 -6.69
CA CYS A 539 34.03 -0.53 -6.21
C CYS A 539 35.19 -1.24 -5.52
N ASN A 540 34.83 -2.26 -4.75
CA ASN A 540 35.77 -3.09 -4.02
C ASN A 540 36.29 -4.17 -4.94
N LEU A 541 37.13 -3.80 -5.87
CA LEU A 541 37.68 -4.79 -6.80
C LEU A 541 38.93 -5.44 -6.22
N LEU A 542 39.89 -4.63 -5.74
CA LEU A 542 41.11 -5.14 -5.15
C LEU A 542 41.19 -4.99 -3.65
N GLU A 543 40.34 -4.15 -3.05
CA GLU A 543 40.35 -3.93 -1.61
C GLU A 543 38.97 -4.18 -1.02
N GLY A 544 38.77 -3.82 0.24
CA GLY A 544 37.48 -3.93 0.87
C GLY A 544 37.14 -5.32 1.38
N GLU A 545 36.35 -5.40 2.45
CA GLU A 545 35.98 -6.70 3.00
C GLU A 545 35.08 -7.48 2.03
N PRO A 546 33.99 -6.92 1.49
CA PRO A 546 33.24 -7.67 0.47
C PRO A 546 33.67 -7.31 -0.94
N ARG A 547 34.34 -8.25 -1.61
CA ARG A 547 34.83 -7.99 -2.96
C ARG A 547 33.68 -7.94 -3.95
N GLU A 548 33.80 -7.04 -4.94
CA GLU A 548 32.72 -6.75 -5.86
C GLU A 548 33.23 -6.78 -7.30
N PHE A 549 32.30 -6.58 -8.23
CA PHE A 549 32.63 -6.40 -9.64
C PHE A 549 31.73 -5.30 -10.19
N VAL A 550 32.11 -4.77 -11.35
CA VAL A 550 31.49 -3.57 -11.91
C VAL A 550 30.65 -3.96 -13.12
N GLU A 551 29.42 -3.46 -13.17
CA GLU A 551 28.60 -3.51 -14.38
C GLU A 551 27.57 -2.40 -14.30
N ASN A 552 27.37 -1.72 -15.43
CA ASN A 552 26.47 -0.56 -15.50
C ASN A 552 26.81 0.50 -14.46
N SER A 553 28.11 0.67 -14.17
CA SER A 553 28.60 1.64 -13.19
C SER A 553 27.94 1.42 -11.81
N GLU A 554 27.89 0.16 -11.39
CA GLU A 554 27.34 -0.18 -10.09
C GLU A 554 28.08 -1.38 -9.54
N CYS A 555 28.31 -1.38 -8.22
CA CYS A 555 29.07 -2.42 -7.56
C CYS A 555 28.14 -3.51 -7.05
N ILE A 556 28.44 -4.77 -7.41
CA ILE A 556 27.67 -5.92 -6.99
C ILE A 556 28.61 -6.90 -6.29
N GLN A 557 28.19 -7.40 -5.14
CA GLN A 557 29.01 -8.32 -4.35
C GLN A 557 29.36 -9.58 -5.16
N CYS A 558 30.55 -10.09 -4.91
CA CYS A 558 30.92 -11.40 -5.42
C CYS A 558 30.23 -12.49 -4.60
N HIS A 559 30.27 -13.71 -5.12
CA HIS A 559 29.70 -14.83 -4.39
C HIS A 559 30.49 -15.07 -3.10
N PRO A 560 29.82 -15.44 -2.01
CA PRO A 560 30.54 -15.63 -0.73
C PRO A 560 31.54 -16.77 -0.75
N GLU A 561 31.70 -17.44 -1.89
CA GLU A 561 32.66 -18.52 -2.03
C GLU A 561 33.84 -18.17 -2.92
N CYS A 562 33.85 -16.98 -3.51
CA CYS A 562 35.02 -16.50 -4.24
C CYS A 562 36.03 -15.96 -3.24
N LEU A 563 37.19 -16.60 -3.14
CA LEU A 563 38.21 -16.17 -2.20
C LEU A 563 38.85 -14.86 -2.69
N PRO A 564 38.96 -13.85 -1.85
CA PRO A 564 39.54 -12.57 -2.30
C PRO A 564 40.99 -12.72 -2.72
N GLN A 565 41.28 -12.24 -3.93
CA GLN A 565 42.63 -12.28 -4.48
C GLN A 565 43.38 -11.01 -4.12
N ALA A 566 44.70 -11.14 -3.96
CA ALA A 566 45.55 -10.01 -3.59
C ALA A 566 46.01 -9.23 -4.82
N MET A 567 46.70 -9.90 -5.74
CA MET A 567 47.20 -9.27 -6.95
C MET A 567 46.20 -9.28 -8.09
N ASN A 568 44.94 -9.63 -7.83
CA ASN A 568 43.96 -9.80 -8.88
C ASN A 568 42.57 -9.50 -8.35
N ILE A 569 41.61 -9.40 -9.26
CA ILE A 569 40.23 -9.28 -8.85
C ILE A 569 39.72 -10.62 -8.33
N THR A 570 38.62 -10.57 -7.57
CA THR A 570 38.11 -11.76 -6.92
C THR A 570 37.11 -12.53 -7.78
N CYS A 571 36.25 -11.83 -8.50
CA CYS A 571 35.26 -12.50 -9.34
C CYS A 571 34.98 -11.65 -10.56
N THR A 572 34.31 -12.26 -11.54
CA THR A 572 33.90 -11.58 -12.76
C THR A 572 32.39 -11.57 -12.95
N GLY A 573 31.64 -12.17 -12.04
CA GLY A 573 30.20 -12.22 -12.15
C GLY A 573 29.55 -12.41 -10.81
N ARG A 574 28.35 -12.97 -10.82
CA ARG A 574 27.53 -13.12 -9.62
C ARG A 574 27.66 -14.49 -8.99
N GLY A 575 27.33 -15.55 -9.74
CA GLY A 575 27.29 -16.87 -9.19
C GLY A 575 28.67 -17.43 -8.92
N PRO A 576 28.72 -18.65 -8.38
CA PRO A 576 30.01 -19.29 -8.09
C PRO A 576 30.76 -19.75 -9.33
N ASP A 577 30.15 -19.67 -10.51
CA ASP A 577 30.86 -20.03 -11.74
C ASP A 577 31.89 -18.99 -12.14
N ASN A 578 31.79 -17.76 -11.61
CA ASN A 578 32.64 -16.65 -12.03
C ASN A 578 33.71 -16.31 -11.00
N CYS A 579 33.96 -17.20 -10.05
CA CYS A 579 35.05 -16.98 -9.10
C CYS A 579 36.40 -17.10 -9.80
N ILE A 580 37.39 -16.38 -9.25
CA ILE A 580 38.75 -16.55 -9.72
C ILE A 580 39.42 -17.72 -9.00
N GLN A 581 39.11 -17.89 -7.71
CA GLN A 581 39.66 -18.98 -6.92
C GLN A 581 38.65 -19.35 -5.85
N CYS A 582 38.26 -20.62 -5.79
CA CYS A 582 37.33 -21.07 -4.78
C CYS A 582 37.93 -20.91 -3.39
N ALA A 583 37.07 -20.59 -2.42
CA ALA A 583 37.52 -20.34 -1.06
C ALA A 583 37.57 -21.59 -0.19
N HIS A 584 36.83 -22.63 -0.55
CA HIS A 584 36.80 -23.83 0.27
C HIS A 584 36.90 -25.09 -0.58
N TYR A 585 35.80 -25.48 -1.23
CA TYR A 585 35.76 -26.70 -2.02
C TYR A 585 35.19 -26.39 -3.40
N ILE A 586 35.49 -27.29 -4.34
CA ILE A 586 35.13 -27.11 -5.75
C ILE A 586 34.23 -28.27 -6.16
N ASP A 587 33.06 -27.94 -6.70
CA ASP A 587 32.11 -28.93 -7.23
C ASP A 587 31.91 -28.59 -8.72
N GLY A 588 32.70 -29.23 -9.57
CA GLY A 588 32.70 -28.91 -10.98
C GLY A 588 33.23 -27.51 -11.20
N PRO A 589 32.47 -26.68 -11.91
CA PRO A 589 32.83 -25.25 -12.05
C PRO A 589 32.30 -24.35 -10.95
N HIS A 590 31.79 -24.90 -9.85
CA HIS A 590 31.19 -24.11 -8.79
C HIS A 590 32.04 -24.17 -7.53
N CYS A 591 32.00 -23.08 -6.76
CA CYS A 591 32.64 -23.01 -5.45
C CYS A 591 31.56 -23.18 -4.38
N VAL A 592 31.61 -24.29 -3.66
CA VAL A 592 30.60 -24.63 -2.67
C VAL A 592 31.26 -24.74 -1.30
N LYS A 593 30.47 -24.47 -0.25
CA LYS A 593 30.98 -24.59 1.11
C LYS A 593 31.33 -26.03 1.45
N THR A 594 30.44 -26.97 1.10
CA THR A 594 30.67 -28.39 1.35
C THR A 594 30.24 -29.19 0.14
N CYS A 595 30.88 -30.33 -0.07
CA CYS A 595 30.49 -31.21 -1.15
C CYS A 595 29.10 -31.81 -0.88
N PRO A 596 28.32 -32.10 -1.92
CA PRO A 596 26.98 -32.66 -1.71
C PRO A 596 27.02 -34.00 -0.97
N ALA A 597 26.72 -33.97 0.32
CA ALA A 597 26.70 -35.16 1.16
C ALA A 597 25.28 -35.34 1.71
N GLY A 598 24.54 -36.26 1.12
CA GLY A 598 23.17 -36.52 1.54
C GLY A 598 22.11 -35.81 0.73
N VAL A 599 22.46 -35.23 -0.42
CA VAL A 599 21.49 -34.51 -1.24
C VAL A 599 20.66 -35.50 -2.02
N MET A 600 19.35 -35.26 -2.05
CA MET A 600 18.44 -36.14 -2.78
C MET A 600 18.68 -36.05 -4.29
N GLY A 601 18.70 -37.19 -4.94
CA GLY A 601 18.92 -37.24 -6.38
C GLY A 601 17.79 -37.94 -7.12
N GLU A 602 18.07 -38.39 -8.34
CA GLU A 602 17.08 -39.04 -9.16
C GLU A 602 16.82 -40.47 -8.67
N ASN A 603 15.64 -40.98 -9.01
CA ASN A 603 15.20 -42.32 -8.58
C ASN A 603 15.15 -42.45 -7.06
N ASN A 604 14.98 -41.33 -6.37
CA ASN A 604 14.95 -41.30 -4.90
C ASN A 604 16.20 -41.95 -4.32
N THR A 605 17.36 -41.61 -4.89
CA THR A 605 18.65 -42.12 -4.44
C THR A 605 19.52 -40.94 -4.04
N LEU A 606 19.99 -40.95 -2.80
CA LEU A 606 20.82 -39.87 -2.30
C LEU A 606 22.15 -39.82 -3.04
N VAL A 607 22.67 -38.60 -3.20
CA VAL A 607 23.94 -38.37 -3.88
C VAL A 607 24.96 -37.93 -2.82
N TRP A 608 26.08 -38.64 -2.77
CA TRP A 608 27.14 -38.34 -1.82
C TRP A 608 28.44 -38.06 -2.57
N LYS A 609 29.23 -37.12 -2.06
CA LYS A 609 30.51 -36.77 -2.66
C LYS A 609 31.56 -36.64 -1.56
N TYR A 610 32.82 -36.58 -1.99
CA TYR A 610 33.95 -36.42 -1.08
C TYR A 610 34.92 -35.41 -1.68
N ALA A 611 35.80 -34.89 -0.83
CA ALA A 611 36.80 -33.91 -1.22
C ALA A 611 38.17 -34.58 -1.25
N ASP A 612 38.84 -34.49 -2.40
CA ASP A 612 40.17 -35.09 -2.55
C ASP A 612 41.23 -34.19 -1.92
N ALA A 613 42.49 -34.38 -2.33
CA ALA A 613 43.56 -33.55 -1.79
C ALA A 613 43.44 -32.10 -2.25
N GLY A 614 42.93 -31.87 -3.45
CA GLY A 614 42.81 -30.53 -3.99
C GLY A 614 41.49 -29.87 -3.69
N HIS A 615 40.75 -30.41 -2.71
CA HIS A 615 39.45 -29.86 -2.30
C HIS A 615 38.47 -29.82 -3.47
N VAL A 616 38.42 -30.90 -4.24
CA VAL A 616 37.52 -31.04 -5.37
C VAL A 616 36.52 -32.15 -5.07
N CYS A 617 35.25 -31.90 -5.36
CA CYS A 617 34.19 -32.86 -5.05
C CYS A 617 34.10 -33.91 -6.15
N HIS A 618 34.11 -35.18 -5.74
CA HIS A 618 33.94 -36.31 -6.65
C HIS A 618 32.91 -37.27 -6.07
N LEU A 619 32.22 -37.97 -6.96
CA LEU A 619 31.17 -38.89 -6.55
C LEU A 619 31.74 -40.08 -5.77
N CYS A 620 30.94 -40.59 -4.85
CA CYS A 620 31.31 -41.78 -4.08
C CYS A 620 31.05 -43.02 -4.92
N HIS A 621 31.19 -44.19 -4.31
CA HIS A 621 30.86 -45.43 -5.01
C HIS A 621 29.34 -45.62 -5.01
N PRO A 622 28.79 -46.13 -6.12
CA PRO A 622 27.33 -46.33 -6.19
C PRO A 622 26.75 -47.10 -5.00
N ASN A 623 27.49 -48.08 -4.47
CA ASN A 623 27.00 -48.87 -3.36
C ASN A 623 27.16 -48.17 -2.01
N CYS A 624 27.91 -47.07 -1.94
CA CYS A 624 28.08 -46.30 -0.72
C CYS A 624 26.84 -45.43 -0.53
N THR A 625 25.88 -45.95 0.23
CA THR A 625 24.60 -45.29 0.42
C THR A 625 24.61 -44.23 1.52
N TYR A 626 25.61 -44.25 2.41
CA TYR A 626 25.64 -43.36 3.56
C TYR A 626 26.85 -42.43 3.53
N GLY A 627 27.46 -42.22 2.36
CA GLY A 627 28.58 -41.31 2.23
C GLY A 627 29.91 -42.04 2.19
N CYS A 628 30.95 -41.28 1.87
CA CYS A 628 32.30 -41.83 1.75
C CYS A 628 33.31 -40.75 2.09
N THR A 629 34.51 -41.19 2.46
CA THR A 629 35.65 -40.31 2.68
C THR A 629 36.72 -40.45 1.60
N GLY A 630 36.66 -41.51 0.79
CA GLY A 630 37.61 -41.71 -0.28
C GLY A 630 36.99 -42.50 -1.42
N PRO A 631 37.78 -42.74 -2.47
CA PRO A 631 37.26 -43.49 -3.62
C PRO A 631 37.01 -44.96 -3.28
N GLY A 632 36.13 -45.57 -4.07
CA GLY A 632 35.84 -46.98 -3.93
C GLY A 632 35.16 -47.33 -2.62
N LEU A 633 35.15 -48.63 -2.34
CA LEU A 633 34.55 -49.17 -1.12
C LEU A 633 35.45 -48.98 0.11
N GLU A 634 36.66 -48.44 -0.07
CA GLU A 634 37.54 -48.23 1.07
C GLU A 634 36.99 -47.15 2.00
N GLY A 635 36.45 -46.07 1.43
CA GLY A 635 35.87 -45.01 2.23
C GLY A 635 34.57 -45.37 2.92
N CYS A 636 34.03 -46.56 2.68
CA CYS A 636 32.78 -47.02 3.28
C CYS A 636 33.01 -48.38 3.93
N PRO A 637 33.69 -48.41 5.07
CA PRO A 637 33.99 -49.69 5.72
C PRO A 637 32.74 -50.30 6.34
N THR A 638 32.83 -51.59 6.64
CA THR A 638 31.73 -52.33 7.25
C THR A 638 31.74 -52.17 8.76
N VAL B 9 -13.04 40.88 -17.87
CA VAL B 9 -14.37 40.43 -18.29
C VAL B 9 -14.66 39.03 -17.76
N GLN B 10 -13.70 38.47 -17.01
CA GLN B 10 -13.87 37.15 -16.42
C GLN B 10 -14.60 37.22 -15.08
N LEU B 11 -14.14 38.08 -14.17
CA LEU B 11 -14.76 38.25 -12.87
C LEU B 11 -15.64 39.49 -12.88
N GLN B 12 -16.93 39.31 -12.63
CA GLN B 12 -17.90 40.40 -12.66
C GLN B 12 -18.54 40.55 -11.28
N GLU B 13 -18.55 41.78 -10.78
CA GLU B 13 -19.16 42.08 -9.50
C GLU B 13 -20.62 42.50 -9.69
N SER B 14 -21.42 42.29 -8.66
CA SER B 14 -22.83 42.64 -8.69
C SER B 14 -23.33 42.86 -7.28
N GLY B 15 -24.27 43.79 -7.14
CA GLY B 15 -24.85 44.10 -5.85
C GLY B 15 -25.35 45.52 -5.75
N PRO B 16 -26.20 45.78 -4.76
CA PRO B 16 -26.75 47.15 -4.58
C PRO B 16 -25.65 48.12 -4.18
N GLY B 17 -25.51 49.19 -4.96
CA GLY B 17 -24.51 50.21 -4.68
C GLY B 17 -24.82 51.09 -3.50
N LEU B 18 -26.06 51.07 -3.00
CA LEU B 18 -26.47 51.87 -1.87
C LEU B 18 -26.87 50.96 -0.72
N VAL B 19 -26.29 51.18 0.46
CA VAL B 19 -26.54 50.36 1.64
C VAL B 19 -26.73 51.29 2.83
N LYS B 20 -27.79 51.06 3.60
CA LYS B 20 -28.02 51.84 4.81
C LYS B 20 -27.18 51.29 5.96
N PRO B 21 -26.83 52.15 6.93
CA PRO B 21 -25.97 51.68 8.03
C PRO B 21 -26.63 50.59 8.86
N SER B 22 -25.79 49.81 9.53
CA SER B 22 -26.16 48.76 10.47
C SER B 22 -26.88 47.59 9.82
N GLU B 23 -26.96 47.55 8.48
CA GLU B 23 -27.58 46.44 7.77
C GLU B 23 -26.52 45.64 7.03
N THR B 24 -26.93 44.49 6.51
CA THR B 24 -26.02 43.59 5.83
C THR B 24 -25.71 44.08 4.42
N LEU B 25 -24.43 44.04 4.06
CA LEU B 25 -23.97 44.40 2.73
C LEU B 25 -23.82 43.13 1.90
N SER B 26 -24.48 43.09 0.74
CA SER B 26 -24.51 41.91 -0.11
C SER B 26 -23.86 42.21 -1.45
N LEU B 27 -22.93 41.35 -1.86
CA LEU B 27 -22.27 41.46 -3.15
C LEU B 27 -22.00 40.05 -3.68
N THR B 28 -22.01 39.93 -5.01
CA THR B 28 -21.77 38.66 -5.68
C THR B 28 -20.72 38.85 -6.77
N CYS B 29 -19.85 37.85 -6.93
CA CYS B 29 -18.81 37.84 -7.94
C CYS B 29 -19.06 36.68 -8.88
N THR B 30 -19.30 36.97 -10.15
CA THR B 30 -19.61 35.96 -11.15
C THR B 30 -18.37 35.68 -11.99
N VAL B 31 -18.00 34.41 -12.09
CA VAL B 31 -16.83 33.96 -12.83
C VAL B 31 -17.27 33.50 -14.21
N SER B 32 -16.51 33.90 -15.24
CA SER B 32 -16.78 33.49 -16.61
C SER B 32 -15.48 33.10 -17.27
N GLY B 33 -15.60 32.40 -18.41
CA GLY B 33 -14.45 31.92 -19.14
C GLY B 33 -13.83 30.64 -18.62
N GLY B 34 -14.32 30.11 -17.50
CA GLY B 34 -13.80 28.88 -16.94
C GLY B 34 -14.77 28.22 -15.99
N SER B 35 -14.27 27.75 -14.85
CA SER B 35 -15.09 27.10 -13.84
C SER B 35 -14.58 27.47 -12.46
N ILE B 36 -15.50 27.89 -11.59
CA ILE B 36 -15.11 28.23 -10.21
C ILE B 36 -14.80 26.98 -9.40
N SER B 37 -15.24 25.81 -9.87
CA SER B 37 -14.98 24.55 -9.17
C SER B 37 -13.63 23.97 -9.58
N SER B 38 -12.59 24.78 -9.39
CA SER B 38 -11.23 24.40 -9.73
C SER B 38 -10.40 24.25 -8.46
N SER B 39 -9.42 23.36 -8.52
CA SER B 39 -8.53 23.09 -7.40
C SER B 39 -7.23 23.89 -7.46
N SER B 40 -7.13 24.83 -8.40
CA SER B 40 -5.91 25.59 -8.60
C SER B 40 -5.96 27.02 -8.10
N TYR B 41 -7.13 27.51 -7.71
CA TYR B 41 -7.28 28.92 -7.34
C TYR B 41 -8.19 29.05 -6.13
N TYR B 42 -7.83 29.97 -5.22
CA TYR B 42 -8.76 30.49 -4.24
C TYR B 42 -9.56 31.61 -4.86
N TRP B 43 -10.46 32.21 -4.07
CA TRP B 43 -11.26 33.34 -4.52
C TRP B 43 -11.36 34.32 -3.37
N GLY B 44 -10.84 35.54 -3.58
CA GLY B 44 -10.71 36.51 -2.51
C GLY B 44 -11.50 37.77 -2.78
N TRP B 45 -11.91 38.43 -1.70
CA TRP B 45 -12.54 39.75 -1.75
C TRP B 45 -11.58 40.78 -1.21
N ILE B 46 -11.34 41.84 -1.97
CA ILE B 46 -10.43 42.92 -1.59
C ILE B 46 -11.17 44.23 -1.72
N ARG B 47 -11.06 45.08 -0.71
CA ARG B 47 -11.70 46.39 -0.71
C ARG B 47 -10.67 47.47 -0.40
N GLN B 48 -10.93 48.68 -0.91
CA GLN B 48 -10.11 49.83 -0.59
C GLN B 48 -10.99 51.07 -0.53
N PRO B 49 -10.97 51.80 0.59
CA PRO B 49 -11.75 53.03 0.68
C PRO B 49 -11.26 54.06 -0.31
N PRO B 50 -12.10 55.02 -0.71
CA PRO B 50 -11.68 56.03 -1.68
C PRO B 50 -10.52 56.86 -1.16
N GLY B 51 -9.38 56.76 -1.85
CA GLY B 51 -8.18 57.46 -1.45
C GLY B 51 -7.34 56.75 -0.40
N LYS B 52 -7.57 55.46 -0.17
CA LYS B 52 -6.84 54.68 0.82
C LYS B 52 -6.14 53.50 0.13
N GLY B 53 -5.69 52.54 0.94
CA GLY B 53 -5.01 51.38 0.44
C GLY B 53 -5.90 50.14 0.42
N LEU B 54 -5.39 49.09 -0.21
CA LEU B 54 -6.12 47.84 -0.33
C LEU B 54 -6.25 47.16 1.03
N GLU B 55 -7.36 46.45 1.21
CA GLU B 55 -7.60 45.68 2.43
C GLU B 55 -8.25 44.36 2.04
N TRP B 56 -7.58 43.26 2.37
CA TRP B 56 -8.11 41.94 2.06
C TRP B 56 -9.26 41.60 3.02
N ILE B 57 -10.39 41.20 2.44
CA ILE B 57 -11.57 40.87 3.24
C ILE B 57 -11.52 39.40 3.63
N GLY B 58 -11.51 38.51 2.63
CA GLY B 58 -11.48 37.10 2.92
C GLY B 58 -11.28 36.30 1.65
N SER B 59 -11.00 35.00 1.84
CA SER B 59 -10.80 34.06 0.76
C SER B 59 -11.76 32.89 0.92
N ILE B 60 -12.19 32.33 -0.21
CA ILE B 60 -13.14 31.21 -0.22
C ILE B 60 -12.70 30.20 -1.27
N TYR B 61 -12.72 28.92 -0.87
CA TYR B 61 -12.52 27.80 -1.79
C TYR B 61 -13.87 27.25 -2.20
N TYR B 62 -13.94 26.68 -3.41
CA TYR B 62 -15.23 26.26 -3.95
C TYR B 62 -15.89 25.16 -3.14
N SER B 63 -15.17 24.52 -2.22
CA SER B 63 -15.79 23.54 -1.33
C SER B 63 -16.56 24.21 -0.20
N GLY B 64 -16.06 25.34 0.31
CA GLY B 64 -16.75 26.06 1.37
C GLY B 64 -15.82 26.58 2.45
N SER B 65 -14.58 26.11 2.47
CA SER B 65 -13.63 26.56 3.48
C SER B 65 -13.30 28.03 3.28
N THR B 66 -13.24 28.76 4.39
CA THR B 66 -13.08 30.21 4.36
C THR B 66 -11.88 30.64 5.17
N TYR B 67 -11.31 31.79 4.79
CA TYR B 67 -10.32 32.49 5.58
C TYR B 67 -10.73 33.96 5.63
N TYR B 68 -10.71 34.54 6.82
CA TYR B 68 -11.20 35.90 7.03
C TYR B 68 -10.09 36.79 7.54
N ASN B 69 -10.35 38.10 7.50
CA ASN B 69 -9.48 39.13 8.04
C ASN B 69 -9.74 39.29 9.53
N PRO B 70 -8.70 39.33 10.38
CA PRO B 70 -8.94 39.48 11.82
C PRO B 70 -9.74 40.71 12.20
N SER B 71 -9.64 41.79 11.42
CA SER B 71 -10.41 43.01 11.71
C SER B 71 -11.83 42.94 11.21
N LEU B 72 -12.24 41.84 10.56
CA LEU B 72 -13.59 41.69 10.03
C LEU B 72 -14.12 40.28 10.23
N LYS B 73 -13.73 39.62 11.32
CA LYS B 73 -14.11 38.23 11.52
C LYS B 73 -15.60 38.08 11.80
N SER B 74 -16.11 38.80 12.80
CA SER B 74 -17.47 38.59 13.27
C SER B 74 -18.54 39.11 12.33
N ARG B 75 -18.19 39.94 11.34
CA ARG B 75 -19.18 40.58 10.49
C ARG B 75 -19.15 40.11 9.03
N VAL B 76 -18.20 39.27 8.65
CA VAL B 76 -18.03 38.83 7.27
C VAL B 76 -18.39 37.36 7.17
N THR B 77 -19.25 37.01 6.21
CA THR B 77 -19.60 35.64 5.90
C THR B 77 -19.53 35.48 4.38
N ILE B 78 -18.56 34.71 3.91
CA ILE B 78 -18.34 34.48 2.48
C ILE B 78 -18.78 33.07 2.13
N SER B 79 -19.55 32.94 1.06
CA SER B 79 -20.08 31.65 0.61
C SER B 79 -19.77 31.47 -0.87
N VAL B 80 -20.15 30.30 -1.39
CA VAL B 80 -19.92 29.98 -2.79
C VAL B 80 -20.92 28.91 -3.20
N ASP B 81 -21.50 29.08 -4.40
CA ASP B 81 -22.42 28.11 -4.98
C ASP B 81 -21.90 27.69 -6.34
N THR B 82 -21.76 26.38 -6.54
CA THR B 82 -21.12 25.87 -7.75
C THR B 82 -22.05 25.88 -8.95
N SER B 83 -23.36 25.73 -8.73
CA SER B 83 -24.30 25.68 -9.84
C SER B 83 -24.32 26.99 -10.62
N LYS B 84 -24.44 28.10 -9.92
CA LYS B 84 -24.46 29.41 -10.55
C LYS B 84 -23.06 29.90 -10.93
N ASN B 85 -22.01 29.18 -10.55
CA ASN B 85 -20.62 29.54 -10.86
C ASN B 85 -20.31 30.95 -10.37
N GLN B 86 -20.39 31.11 -9.04
CA GLN B 86 -20.20 32.42 -8.43
C GLN B 86 -19.89 32.23 -6.95
N PHE B 87 -19.34 33.28 -6.35
CA PHE B 87 -19.12 33.34 -4.91
C PHE B 87 -19.47 34.74 -4.43
N SER B 88 -20.17 34.80 -3.29
CA SER B 88 -20.72 36.04 -2.79
C SER B 88 -20.03 36.45 -1.49
N LEU B 89 -20.33 37.68 -1.07
CA LEU B 89 -19.77 38.25 0.15
C LEU B 89 -20.87 38.97 0.91
N LYS B 90 -20.96 38.71 2.21
CA LYS B 90 -21.94 39.34 3.07
C LYS B 90 -21.25 40.00 4.26
N LEU B 91 -21.55 41.27 4.47
CA LEU B 91 -20.96 42.05 5.56
C LEU B 91 -22.09 42.65 6.39
N SER B 92 -22.31 42.11 7.58
CA SER B 92 -23.40 42.55 8.44
C SER B 92 -22.94 43.71 9.34
N SER B 93 -23.92 44.49 9.80
CA SER B 93 -23.71 45.64 10.67
C SER B 93 -22.70 46.61 10.05
N VAL B 94 -23.04 47.09 8.85
CA VAL B 94 -22.15 47.98 8.11
C VAL B 94 -22.12 49.34 8.78
N THR B 95 -20.97 50.01 8.68
CA THR B 95 -20.81 51.35 9.21
C THR B 95 -20.32 52.30 8.13
N ALA B 96 -20.01 53.54 8.50
CA ALA B 96 -19.54 54.52 7.53
C ALA B 96 -18.14 54.22 7.02
N ALA B 97 -17.34 53.48 7.80
CA ALA B 97 -15.96 53.20 7.38
C ALA B 97 -15.89 52.15 6.28
N ASP B 98 -16.96 51.38 6.06
CA ASP B 98 -16.95 50.33 5.06
C ASP B 98 -17.22 50.83 3.65
N THR B 99 -17.26 52.15 3.44
CA THR B 99 -17.41 52.70 2.09
C THR B 99 -16.13 52.45 1.32
N ALA B 100 -16.19 51.57 0.32
CA ALA B 100 -14.99 51.18 -0.41
C ALA B 100 -15.40 50.60 -1.76
N VAL B 101 -14.41 50.48 -2.64
CA VAL B 101 -14.56 49.76 -3.89
C VAL B 101 -14.16 48.31 -3.66
N TYR B 102 -15.12 47.39 -3.84
CA TYR B 102 -14.94 46.00 -3.48
C TYR B 102 -14.53 45.21 -4.72
N TYR B 103 -13.32 44.67 -4.70
CA TYR B 103 -12.79 43.85 -5.77
C TYR B 103 -12.88 42.37 -5.40
N CYS B 104 -13.07 41.53 -6.40
CA CYS B 104 -12.95 40.08 -6.25
C CYS B 104 -11.93 39.58 -7.26
N ALA B 105 -10.89 38.92 -6.77
CA ALA B 105 -9.77 38.51 -7.59
C ALA B 105 -9.52 37.02 -7.44
N ARG B 106 -8.76 36.47 -8.39
CA ARG B 106 -8.39 35.07 -8.38
C ARG B 106 -7.09 34.88 -7.62
N LEU B 107 -7.05 33.86 -6.77
CA LEU B 107 -5.92 33.60 -5.88
C LEU B 107 -5.43 32.17 -6.06
N PRO B 108 -4.47 31.95 -6.96
CA PRO B 108 -3.93 30.60 -7.14
C PRO B 108 -3.17 30.13 -5.90
N MET B 109 -2.96 28.83 -5.85
CA MET B 109 -2.25 28.23 -4.73
C MET B 109 -0.75 28.09 -4.96
N VAL B 110 -0.30 28.14 -6.22
CA VAL B 110 1.13 28.02 -6.48
C VAL B 110 1.89 29.30 -6.17
N THR B 111 1.23 30.44 -6.15
CA THR B 111 1.88 31.71 -5.85
C THR B 111 1.26 32.45 -4.66
N MET B 112 0.00 32.20 -4.33
CA MET B 112 -0.72 32.90 -3.27
C MET B 112 -0.68 34.42 -3.48
N SER B 113 -0.58 34.84 -4.73
CA SER B 113 -0.79 36.23 -5.13
C SER B 113 -2.06 36.32 -5.96
N PHE B 114 -2.56 37.54 -6.13
CA PHE B 114 -3.80 37.74 -6.89
C PHE B 114 -3.46 37.86 -8.37
N ASP B 115 -3.66 36.77 -9.11
CA ASP B 115 -3.39 36.74 -10.54
C ASP B 115 -4.27 37.72 -11.30
N TYR B 116 -5.56 37.40 -11.39
CA TYR B 116 -6.51 38.19 -12.15
C TYR B 116 -7.42 38.96 -11.20
N TRP B 117 -7.48 40.28 -11.39
CA TRP B 117 -8.30 41.15 -10.58
C TRP B 117 -9.58 41.51 -11.34
N GLY B 118 -10.70 41.55 -10.61
CA GLY B 118 -11.90 42.13 -11.16
C GLY B 118 -11.87 43.65 -11.08
N GLN B 119 -12.65 44.28 -11.96
CA GLN B 119 -12.67 45.74 -11.99
C GLN B 119 -13.37 46.34 -10.77
N GLY B 120 -14.08 45.53 -9.99
CA GLY B 120 -14.66 46.01 -8.75
C GLY B 120 -15.86 46.91 -8.91
N THR B 121 -16.62 47.07 -7.84
CA THR B 121 -17.77 47.96 -7.81
C THR B 121 -17.74 48.77 -6.53
N LEU B 122 -18.26 49.99 -6.60
CA LEU B 122 -18.28 50.92 -5.47
C LEU B 122 -19.65 50.86 -4.81
N VAL B 123 -19.66 50.49 -3.52
CA VAL B 123 -20.87 50.52 -2.70
C VAL B 123 -20.67 51.60 -1.64
N THR B 124 -21.59 52.56 -1.59
CA THR B 124 -21.50 53.70 -0.69
C THR B 124 -22.62 53.61 0.34
N VAL B 125 -22.25 53.74 1.62
CA VAL B 125 -23.22 53.76 2.70
C VAL B 125 -23.51 55.20 3.08
N SER B 126 -24.76 55.47 3.41
CA SER B 126 -25.20 56.83 3.75
C SER B 126 -26.53 56.74 4.48
N SER B 127 -26.96 57.88 5.00
CA SER B 127 -28.22 57.97 5.73
C SER B 127 -29.41 57.75 4.79
N SER C 8 -2.40 41.44 13.45
CA SER C 8 -1.75 40.54 12.50
C SER C 8 -0.43 41.13 12.02
N TYR C 9 0.01 40.70 10.84
CA TYR C 9 1.26 41.16 10.28
C TYR C 9 1.09 42.57 9.71
N VAL C 10 2.16 43.36 9.79
CA VAL C 10 2.13 44.76 9.40
C VAL C 10 3.16 44.99 8.29
N LEU C 11 2.75 45.71 7.26
CA LEU C 11 3.62 46.09 6.15
C LEU C 11 3.71 47.61 6.08
N THR C 12 4.92 48.14 6.00
CA THR C 12 5.17 49.57 5.99
C THR C 12 5.74 49.99 4.65
N GLN C 13 5.10 50.96 4.01
CA GLN C 13 5.56 51.52 2.76
C GLN C 13 5.64 53.04 2.87
N PRO C 14 6.55 53.66 2.12
CA PRO C 14 6.60 55.13 2.09
C PRO C 14 5.41 55.69 1.35
N PRO C 15 4.79 56.76 1.86
CA PRO C 15 3.59 57.29 1.21
C PRO C 15 3.84 57.83 -0.20
N SER C 16 5.00 58.43 -0.45
CA SER C 16 5.28 59.01 -1.75
C SER C 16 6.77 58.89 -2.06
N VAL C 17 7.08 58.56 -3.31
CA VAL C 17 8.46 58.48 -3.78
C VAL C 17 8.51 59.10 -5.18
N SER C 18 9.46 60.01 -5.37
CA SER C 18 9.66 60.69 -6.65
C SER C 18 10.92 60.16 -7.32
N VAL C 19 10.92 60.19 -8.65
CA VAL C 19 12.03 59.66 -9.44
C VAL C 19 12.13 60.46 -10.73
N ALA C 20 13.36 60.70 -11.18
CA ALA C 20 13.57 61.40 -12.44
C ALA C 20 13.24 60.49 -13.62
N PRO C 21 12.79 61.05 -14.73
CA PRO C 21 12.49 60.21 -15.90
C PRO C 21 13.75 59.52 -16.42
N GLY C 22 13.63 58.22 -16.65
CA GLY C 22 14.73 57.41 -17.14
C GLY C 22 15.66 56.86 -16.09
N LYS C 23 15.49 57.25 -14.83
CA LYS C 23 16.35 56.80 -13.74
C LYS C 23 15.68 55.63 -13.02
N THR C 24 16.30 55.18 -11.92
CA THR C 24 15.84 54.01 -11.19
C THR C 24 15.08 54.43 -9.94
N ALA C 25 13.87 53.90 -9.79
CA ALA C 25 13.07 54.12 -8.59
C ALA C 25 13.10 52.86 -7.73
N ARG C 26 13.08 53.06 -6.41
CA ARG C 26 13.17 51.95 -5.46
C ARG C 26 12.12 52.16 -4.37
N ILE C 27 11.05 51.38 -4.43
CA ILE C 27 9.99 51.43 -3.43
C ILE C 27 10.21 50.29 -2.44
N THR C 28 10.19 50.63 -1.14
CA THR C 28 10.50 49.68 -0.08
C THR C 28 9.23 49.13 0.55
N CYS C 29 9.40 48.02 1.25
CA CYS C 29 8.29 47.34 1.94
C CYS C 29 8.85 46.75 3.23
N GLY C 30 8.50 47.37 4.36
CA GLY C 30 9.00 46.94 5.65
C GLY C 30 8.13 45.87 6.29
N GLY C 31 8.79 44.95 7.00
CA GLY C 31 8.09 43.90 7.70
C GLY C 31 9.00 43.17 8.68
N ASN C 32 8.42 42.73 9.81
CA ASN C 32 9.19 42.03 10.83
C ASN C 32 9.76 40.74 10.27
N ASN C 33 11.04 40.78 9.89
CA ASN C 33 11.72 39.66 9.24
C ASN C 33 10.95 39.22 7.99
N ILE C 34 10.77 40.18 7.08
CA ILE C 34 10.05 39.91 5.84
C ILE C 34 10.86 39.09 4.85
N GLY C 35 12.16 38.92 5.11
CA GLY C 35 13.00 38.11 4.24
C GLY C 35 12.64 36.64 4.22
N SER C 36 12.00 36.15 5.30
CA SER C 36 11.57 34.76 5.35
C SER C 36 10.25 34.53 4.61
N LYS C 37 9.60 35.59 4.14
CA LYS C 37 8.32 35.48 3.44
C LYS C 37 8.49 35.90 1.99
N SER C 38 7.47 35.61 1.19
CA SER C 38 7.44 35.96 -0.22
C SER C 38 6.59 37.21 -0.42
N VAL C 39 7.16 38.21 -1.08
CA VAL C 39 6.48 39.49 -1.30
C VAL C 39 5.99 39.55 -2.75
N HIS C 40 4.84 40.19 -2.93
CA HIS C 40 4.25 40.40 -4.24
C HIS C 40 3.88 41.86 -4.39
N TRP C 41 4.15 42.43 -5.56
CA TRP C 41 3.92 43.85 -5.82
C TRP C 41 2.82 44.03 -6.86
N TYR C 42 1.98 45.04 -6.65
CA TYR C 42 0.91 45.38 -7.57
C TYR C 42 1.02 46.83 -7.98
N GLN C 43 0.61 47.12 -9.22
CA GLN C 43 0.56 48.47 -9.74
C GLN C 43 -0.89 48.83 -10.03
N GLN C 44 -1.37 49.91 -9.41
CA GLN C 44 -2.76 50.34 -9.56
C GLN C 44 -2.78 51.78 -10.09
N LYS C 45 -3.07 51.93 -11.38
CA LYS C 45 -3.27 53.24 -11.95
C LYS C 45 -4.59 53.83 -11.45
N PRO C 46 -4.72 55.15 -11.43
CA PRO C 46 -5.96 55.76 -10.92
C PRO C 46 -7.18 55.31 -11.71
N GLY C 47 -8.18 54.82 -10.98
CA GLY C 47 -9.42 54.38 -11.58
C GLY C 47 -9.43 52.94 -12.07
N GLN C 48 -8.31 52.23 -11.96
CA GLN C 48 -8.20 50.87 -12.45
C GLN C 48 -7.98 49.91 -11.28
N ALA C 49 -8.01 48.60 -11.61
CA ALA C 49 -7.77 47.52 -10.67
C ALA C 49 -6.28 47.23 -10.56
N PRO C 50 -5.81 46.76 -9.41
CA PRO C 50 -4.39 46.45 -9.26
C PRO C 50 -3.94 45.36 -10.23
N VAL C 51 -2.71 45.50 -10.71
CA VAL C 51 -2.12 44.58 -11.67
C VAL C 51 -0.85 44.00 -11.06
N LEU C 52 -0.75 42.68 -11.02
CA LEU C 52 0.42 42.01 -10.46
C LEU C 52 1.61 42.22 -11.38
N VAL C 53 2.64 42.92 -10.89
CA VAL C 53 3.78 43.27 -11.71
C VAL C 53 4.97 42.42 -11.31
N ILE C 54 4.99 41.96 -10.06
CA ILE C 54 6.08 41.13 -9.56
C ILE C 54 5.55 40.23 -8.46
N TYR C 55 5.86 38.94 -8.54
CA TYR C 55 5.52 37.97 -7.52
C TYR C 55 6.75 37.15 -7.14
N TYR C 56 6.71 36.57 -5.94
CA TYR C 56 7.81 35.80 -5.38
C TYR C 56 9.10 36.63 -5.37
N ASP C 57 9.03 37.75 -4.64
CA ASP C 57 10.17 38.63 -4.41
C ASP C 57 10.69 39.30 -5.67
N SER C 58 11.04 38.52 -6.70
CA SER C 58 11.72 39.06 -7.86
C SER C 58 11.17 38.61 -9.21
N ASP C 59 10.30 37.60 -9.25
CA ASP C 59 9.87 37.09 -10.54
C ASP C 59 8.91 38.08 -11.23
N ARG C 60 8.73 37.86 -12.53
CA ARG C 60 8.02 38.80 -13.39
C ARG C 60 6.95 38.05 -14.17
N PRO C 61 5.67 38.38 -14.01
CA PRO C 61 4.64 37.73 -14.82
C PRO C 61 4.76 38.10 -16.29
N SER C 62 4.16 37.27 -17.14
CA SER C 62 4.16 37.54 -18.57
C SER C 62 3.29 38.75 -18.87
N GLY C 63 3.86 39.73 -19.58
CA GLY C 63 3.19 40.97 -19.86
C GLY C 63 3.75 42.18 -19.14
N ILE C 64 4.74 41.98 -18.28
CA ILE C 64 5.38 43.06 -17.52
C ILE C 64 6.76 43.30 -18.13
N PRO C 65 7.13 44.55 -18.42
CA PRO C 65 8.44 44.81 -18.99
C PRO C 65 9.57 44.44 -18.03
N GLU C 66 10.75 44.21 -18.59
CA GLU C 66 11.90 43.78 -17.81
C GLU C 66 12.36 44.84 -16.82
N ARG C 67 11.95 46.10 -17.00
CA ARG C 67 12.38 47.16 -16.11
C ARG C 67 11.98 46.93 -14.66
N PHE C 68 10.95 46.12 -14.42
CA PHE C 68 10.48 45.84 -13.07
C PHE C 68 11.30 44.68 -12.49
N SER C 69 12.02 44.96 -11.41
CA SER C 69 12.81 43.97 -10.70
C SER C 69 12.57 44.11 -9.21
N GLY C 70 12.72 42.99 -8.49
CA GLY C 70 12.44 42.98 -7.07
C GLY C 70 13.56 42.34 -6.28
N SER C 71 13.56 42.62 -4.98
CA SER C 71 14.54 42.08 -4.05
C SER C 71 13.94 42.03 -2.66
N ASN C 72 14.26 40.98 -1.91
CA ASN C 72 13.71 40.80 -0.57
C ASN C 72 14.76 40.17 0.32
N SER C 73 15.14 40.86 1.39
CA SER C 73 16.13 40.36 2.33
C SER C 73 16.00 41.12 3.64
N GLY C 74 16.40 40.47 4.73
CA GLY C 74 16.35 41.07 6.04
C GLY C 74 14.94 41.39 6.50
N ASN C 75 14.61 42.68 6.53
CA ASN C 75 13.28 43.12 6.94
C ASN C 75 12.66 44.11 5.96
N THR C 76 13.28 44.34 4.81
CA THR C 76 12.79 45.30 3.82
C THR C 76 12.85 44.67 2.43
N ALA C 77 11.70 44.59 1.77
CA ALA C 77 11.63 44.22 0.36
C ALA C 77 11.64 45.47 -0.50
N THR C 78 12.23 45.36 -1.68
CA THR C 78 12.45 46.52 -2.54
C THR C 78 11.97 46.23 -3.95
N LEU C 79 11.03 47.05 -4.43
CA LEU C 79 10.59 47.02 -5.82
C LEU C 79 11.39 48.06 -6.60
N THR C 80 12.21 47.59 -7.53
CA THR C 80 13.12 48.46 -8.27
C THR C 80 12.66 48.56 -9.72
N ILE C 81 12.27 49.76 -10.13
CA ILE C 81 11.93 50.05 -11.51
C ILE C 81 13.18 50.59 -12.20
N SER C 82 13.59 49.94 -13.29
CA SER C 82 14.86 50.25 -13.94
C SER C 82 14.85 51.62 -14.61
N ARG C 83 14.11 51.76 -15.71
CA ARG C 83 14.03 53.01 -16.45
C ARG C 83 12.60 53.52 -16.36
N VAL C 84 12.37 54.49 -15.47
CA VAL C 84 11.02 54.98 -15.21
C VAL C 84 10.54 55.80 -16.39
N GLU C 85 9.29 55.57 -16.80
CA GLU C 85 8.63 56.33 -17.85
C GLU C 85 7.50 57.14 -17.26
N ALA C 86 6.90 57.99 -18.10
CA ALA C 86 5.81 58.86 -17.64
C ALA C 86 4.57 58.06 -17.26
N GLY C 87 4.31 56.95 -17.96
CA GLY C 87 3.15 56.13 -17.70
C GLY C 87 3.24 55.25 -16.47
N ASP C 88 4.35 55.29 -15.73
CA ASP C 88 4.53 54.47 -14.55
C ASP C 88 3.99 55.11 -13.29
N GLU C 89 3.39 56.31 -13.37
CA GLU C 89 2.81 56.96 -12.21
C GLU C 89 1.56 56.20 -11.78
N ALA C 90 1.65 55.52 -10.64
CA ALA C 90 0.52 54.75 -10.10
C ALA C 90 0.81 54.45 -8.63
N ASP C 91 -0.16 53.80 -7.99
CA ASP C 91 0.01 53.35 -6.61
C ASP C 91 0.55 51.93 -6.60
N TYR C 92 1.49 51.68 -5.69
CA TYR C 92 2.14 50.38 -5.59
C TYR C 92 1.91 49.81 -4.19
N TYR C 93 1.48 48.55 -4.13
CA TYR C 93 1.18 47.87 -2.89
C TYR C 93 1.94 46.55 -2.83
N CYS C 94 2.70 46.35 -1.75
CA CYS C 94 3.37 45.09 -1.53
C CYS C 94 2.46 44.17 -0.72
N GLN C 95 2.49 42.89 -1.06
CA GLN C 95 1.56 41.92 -0.50
C GLN C 95 2.30 40.64 -0.11
N VAL C 96 1.98 40.12 1.07
CA VAL C 96 2.55 38.87 1.56
C VAL C 96 1.42 37.97 2.05
N TRP C 97 1.64 36.67 1.96
CA TRP C 97 0.68 35.66 2.41
C TRP C 97 1.30 34.87 3.55
N ASP C 98 0.69 34.92 4.72
CA ASP C 98 1.19 34.18 5.87
C ASP C 98 0.97 32.69 5.67
N SER C 99 2.02 31.90 5.90
CA SER C 99 1.94 30.46 5.67
C SER C 99 1.01 29.80 6.68
N SER C 100 1.27 30.00 7.97
CA SER C 100 0.47 29.32 8.99
C SER C 100 -0.91 29.96 9.12
N SER C 101 -0.97 31.29 9.17
CA SER C 101 -2.25 31.97 9.39
C SER C 101 -3.14 31.95 8.15
N ASP C 102 -2.56 31.73 6.96
CA ASP C 102 -3.27 31.70 5.69
C ASP C 102 -3.91 33.05 5.36
N HIS C 103 -3.63 34.06 6.17
CA HIS C 103 -4.08 35.41 5.85
C HIS C 103 -3.13 36.05 4.84
N VAL C 104 -3.61 37.11 4.20
CA VAL C 104 -2.81 37.87 3.26
C VAL C 104 -2.99 39.36 3.57
N VAL C 105 -1.88 40.08 3.67
CA VAL C 105 -1.86 41.47 4.13
C VAL C 105 -1.29 42.35 3.03
N PHE C 106 -1.89 43.52 2.85
CA PHE C 106 -1.42 44.53 1.91
C PHE C 106 -0.71 45.64 2.65
N GLY C 107 0.10 46.39 1.90
CA GLY C 107 0.78 47.55 2.43
C GLY C 107 -0.10 48.79 2.38
N GLY C 108 0.46 49.88 2.88
CA GLY C 108 -0.27 51.14 2.89
C GLY C 108 -0.39 51.80 1.53
N GLY C 109 0.51 51.47 0.60
CA GLY C 109 0.52 52.07 -0.70
C GLY C 109 1.63 53.09 -0.87
N THR C 110 2.01 53.31 -2.12
CA THR C 110 3.07 54.25 -2.46
C THR C 110 2.73 54.95 -3.76
N LYS C 111 2.52 56.26 -3.71
CA LYS C 111 2.19 57.05 -4.89
C LYS C 111 3.51 57.46 -5.55
N LEU C 112 3.86 56.79 -6.64
CA LEU C 112 5.08 57.08 -7.38
C LEU C 112 4.81 58.21 -8.37
N THR C 113 5.59 59.28 -8.27
CA THR C 113 5.44 60.44 -9.14
C THR C 113 6.75 60.63 -9.93
N VAL C 114 6.61 60.88 -11.23
CA VAL C 114 7.74 61.10 -12.11
C VAL C 114 7.98 62.59 -12.23
N LEU C 115 9.22 63.02 -12.04
CA LEU C 115 9.57 64.43 -12.12
C LEU C 115 9.49 64.94 -13.55
#